data_6CYT
#
_entry.id   6CYT
#
_cell.length_a   148.580
_cell.length_b   148.580
_cell.length_c   104.630
_cell.angle_alpha   90.000
_cell.angle_beta   90.000
_cell.angle_gamma   120.000
#
_symmetry.space_group_name_H-M   'P 32 2 1'
#
loop_
_entity.id
_entity.type
_entity.pdbx_description
1 polymer 'Cyclin-dependent kinase 9'
2 polymer Cyclin-T1
3 polymer 'AF4/FMR2 family member 4'
4 polymer 'Protein Tat'
5 polymer "RNA (5'-R(P*AP*UP*CP*UP*GP*AP*GP*CP*CP*UP*GP*GP*GP*AP*GP*CP*U)-3')"
6 non-polymer 'ZINC ION'
#
loop_
_entity_poly.entity_id
_entity_poly.type
_entity_poly.pdbx_seq_one_letter_code
_entity_poly.pdbx_strand_id
1 'polypeptide(L)'
;GHMAKQYDSVECPFCDEVSKYEKLAKIGQGTFGEVFKARHRKTGQKVALKKVLMENEKEGFPITALREIKILQLLKHENV
VNLIEICRTKASPYNRCKGSIYLVFDFCEHDLAGLLSNVLVKFTLSEIKRVMQMLLNGLYYIHRNKILHRDMKAANVLIT
RDGVLKLADFGLARAFSLAKNSQPNRY(TPO)NRVVTLWYRPPELLLGERDYGPPIDLWGAGCIMAEMWTRSPIMQGNTE
QHQLALISQLCGSITPEVWPNVDNYELYEKLELVKGQKRKVKDRLKAYVRDPYALDLIDKLLVLDPAQRIDSDDALNHDF
FWSDPMPSDLKGMLST
;
A
2 'polypeptide(L)'
;MEGERKNNNKRWYFTREQLENSPSRRFGVDPDKELSYRQQAANLLQDMGQRLNVSQLTINTAIVYMHRFYMIQSFTQFPG
NSVAPAALFLAAKVEEQPKKLEHVIKVAHTCLHPQESLPDTRSEAYLQQVQDLVILESIILQTLGFELTIDHPHTHVVKC
TQLVRASKDLAQTSYFMATNSLHLTTFSLQYTPPVVACVCIHLACKWSNWEIPVSTDGKHWWEYVDATVTLELLDELTHE
FLQILEKTPNRLKRIWNWRACEAA
;
B
3 'polypeptide(L)' SPLFAEPYKVTSKEDYLSSRIQSMLGNYDEMKDFIG C
4 'polypeptide(L)' (ACE)MEPVDPRLEPWKHPGSQPKTACTNCYCKKCCFHCQVCFITKALGISYGRKKRRQRRR D
5 'polyribonucleotide' GAUCUGAGCCUGGGAGCUCA N
#
loop_
_chem_comp.id
_chem_comp.type
_chem_comp.name
_chem_comp.formula
A RNA linking ADENOSINE-5'-MONOPHOSPHATE 'C10 H14 N5 O7 P'
ACE non-polymer 'ACETYL GROUP' 'C2 H4 O'
C RNA linking CYTIDINE-5'-MONOPHOSPHATE 'C9 H14 N3 O8 P'
G RNA linking GUANOSINE-5'-MONOPHOSPHATE 'C10 H14 N5 O8 P'
U RNA linking URIDINE-5'-MONOPHOSPHATE 'C9 H13 N2 O9 P'
ZN non-polymer 'ZINC ION' 'Zn 2'
#
# COMPACT_ATOMS: atom_id res chain seq x y z
N VAL A 10 18.96 6.32 -21.36
CA VAL A 10 18.19 5.61 -20.34
C VAL A 10 16.88 6.36 -20.09
N GLU A 11 15.87 6.04 -20.90
CA GLU A 11 14.59 6.73 -20.85
C GLU A 11 13.99 6.75 -19.44
N CYS A 12 13.25 7.81 -19.13
CA CYS A 12 12.64 8.02 -17.82
C CYS A 12 11.63 9.15 -17.89
N PRO A 13 10.49 8.95 -18.58
CA PRO A 13 9.57 10.08 -18.82
C PRO A 13 8.79 10.55 -17.61
N PHE A 14 8.57 9.71 -16.60
CA PHE A 14 7.70 10.06 -15.48
C PHE A 14 8.46 10.31 -14.18
N CYS A 15 9.64 10.92 -14.27
CA CYS A 15 10.40 11.21 -13.05
C CYS A 15 11.38 12.33 -13.40
N ASP A 16 10.94 13.57 -13.25
CA ASP A 16 11.75 14.71 -13.63
C ASP A 16 12.98 14.81 -12.73
N GLU A 17 14.03 15.42 -13.25
CA GLU A 17 15.22 15.66 -12.45
C GLU A 17 14.94 16.78 -11.47
N VAL A 18 15.47 16.64 -10.25
CA VAL A 18 15.26 17.66 -9.23
C VAL A 18 15.94 18.96 -9.59
N SER A 19 16.80 18.95 -10.61
CA SER A 19 17.48 20.14 -11.08
C SER A 19 16.50 21.27 -11.36
N LYS A 20 15.24 20.95 -11.68
CA LYS A 20 14.26 21.98 -11.99
C LYS A 20 14.02 22.90 -10.80
N TYR A 21 14.37 22.48 -9.59
CA TYR A 21 14.26 23.29 -8.39
C TYR A 21 15.65 23.73 -7.96
N GLU A 22 15.72 24.91 -7.33
CA GLU A 22 16.96 25.44 -6.77
C GLU A 22 16.87 25.42 -5.25
N LYS A 23 17.77 24.65 -4.62
CA LYS A 23 17.80 24.57 -3.17
C LYS A 23 18.17 25.92 -2.57
N LEU A 24 17.48 26.29 -1.49
CA LEU A 24 17.70 27.58 -0.84
C LEU A 24 18.31 27.45 0.53
N ALA A 25 17.91 26.44 1.33
CA ALA A 25 18.48 26.29 2.65
C ALA A 25 18.04 24.95 3.24
N LYS A 26 18.82 24.48 4.21
CA LYS A 26 18.48 23.31 5.00
C LYS A 26 17.47 23.71 6.06
N ILE A 27 16.57 22.78 6.41
CA ILE A 27 15.52 23.09 7.37
C ILE A 27 15.24 21.91 8.29
N GLY A 28 16.29 21.20 8.69
CA GLY A 28 16.17 20.14 9.66
C GLY A 28 16.44 18.77 9.06
N GLN A 29 16.50 17.78 9.96
CA GLN A 29 16.75 16.39 9.62
C GLN A 29 15.46 15.61 9.80
N GLY A 30 15.05 14.90 8.76
CA GLY A 30 13.79 14.17 8.76
C GLY A 30 13.97 12.76 9.28
N THR A 31 12.88 11.98 9.19
CA THR A 31 12.93 10.60 9.64
C THR A 31 14.05 9.84 8.97
N PHE A 32 14.36 10.16 7.70
CA PHE A 32 15.35 9.38 6.98
C PHE A 32 16.17 10.23 6.01
N GLY A 33 16.17 11.56 6.15
CA GLY A 33 16.86 12.38 5.16
C GLY A 33 17.09 13.79 5.63
N GLU A 34 17.72 14.56 4.75
CA GLU A 34 17.83 16.01 4.87
C GLU A 34 16.71 16.67 4.07
N VAL A 35 16.23 17.81 4.57
CA VAL A 35 15.16 18.54 3.93
C VAL A 35 15.67 19.93 3.53
N PHE A 36 15.36 20.33 2.30
CA PHE A 36 15.78 21.61 1.75
C PHE A 36 14.57 22.38 1.24
N LYS A 37 14.58 23.69 1.42
CA LYS A 37 13.63 24.56 0.72
C LYS A 37 14.16 24.88 -0.66
N ALA A 38 13.30 24.80 -1.67
CA ALA A 38 13.71 25.08 -3.03
C ALA A 38 12.58 25.76 -3.79
N ARG A 39 12.95 26.45 -4.88
CA ARG A 39 11.99 27.11 -5.74
C ARG A 39 12.16 26.64 -7.18
N HIS A 40 11.05 26.48 -7.89
CA HIS A 40 11.11 26.11 -9.29
C HIS A 40 11.84 27.19 -10.08
N ARG A 41 12.82 26.78 -10.89
CA ARG A 41 13.70 27.73 -11.53
C ARG A 41 12.95 28.69 -12.45
N LYS A 42 11.90 28.22 -13.12
CA LYS A 42 11.18 29.03 -14.08
C LYS A 42 9.94 29.71 -13.51
N THR A 43 9.20 29.06 -12.63
CA THR A 43 7.95 29.60 -12.13
C THR A 43 8.06 30.22 -10.74
N GLY A 44 9.09 29.85 -9.97
CA GLY A 44 9.26 30.38 -8.64
C GLY A 44 8.44 29.66 -7.59
N GLN A 45 7.72 28.60 -7.96
CA GLN A 45 6.93 27.83 -7.02
C GLN A 45 7.82 27.24 -5.95
N LYS A 46 7.49 27.48 -4.69
CA LYS A 46 8.28 26.94 -3.60
C LYS A 46 7.87 25.50 -3.30
N VAL A 47 8.86 24.68 -2.97
CA VAL A 47 8.66 23.28 -2.58
C VAL A 47 9.65 22.93 -1.48
N ALA A 48 9.39 21.79 -0.84
CA ALA A 48 10.30 21.17 0.11
C ALA A 48 10.82 19.86 -0.46
N LEU A 49 12.13 19.77 -0.64
CA LEU A 49 12.79 18.56 -1.13
C LEU A 49 13.25 17.73 0.07
N LYS A 50 12.65 16.55 0.22
CA LYS A 50 13.01 15.58 1.26
C LYS A 50 13.84 14.48 0.62
N LYS A 51 15.13 14.44 0.95
CA LYS A 51 16.06 13.53 0.31
C LYS A 51 15.96 12.15 0.93
N VAL A 52 15.66 11.14 0.12
CA VAL A 52 15.62 9.76 0.59
C VAL A 52 17.06 9.31 0.80
N LEU A 53 17.44 9.10 2.06
CA LEU A 53 18.82 8.73 2.40
C LEU A 53 18.95 7.22 2.25
N MET A 54 19.38 6.78 1.08
CA MET A 54 19.60 5.36 0.82
C MET A 54 20.96 4.95 1.39
N GLU A 55 21.08 5.19 2.70
CA GLU A 55 22.18 4.67 3.49
C GLU A 55 21.92 3.22 3.86
N ASN A 56 20.66 2.89 4.17
CA ASN A 56 20.26 1.53 4.49
C ASN A 56 20.10 0.77 3.17
N GLU A 57 21.24 0.49 2.54
CA GLU A 57 21.33 -0.30 1.32
C GLU A 57 21.30 -1.80 1.60
N LYS A 58 20.89 -2.16 2.81
CA LYS A 58 20.79 -3.57 3.21
C LYS A 58 19.61 -4.24 2.54
N GLU A 59 18.52 -3.49 2.32
CA GLU A 59 17.30 -3.94 1.67
C GLU A 59 16.91 -3.03 0.51
N GLY A 60 17.88 -2.39 -0.14
CA GLY A 60 17.55 -1.59 -1.29
C GLY A 60 16.68 -0.40 -0.92
N PHE A 61 15.76 -0.03 -1.80
CA PHE A 61 14.92 1.12 -1.53
C PHE A 61 14.12 0.91 -0.24
N PRO A 62 14.18 1.84 0.71
CA PRO A 62 13.57 1.62 2.03
C PRO A 62 12.06 1.49 1.98
N ILE A 63 11.55 0.42 2.61
CA ILE A 63 10.11 0.24 2.73
C ILE A 63 9.48 1.44 3.40
N THR A 64 10.22 2.13 4.28
CA THR A 64 9.66 3.31 4.94
C THR A 64 9.29 4.37 3.90
N ALA A 65 10.13 4.56 2.88
CA ALA A 65 9.82 5.54 1.86
C ALA A 65 8.72 5.02 0.95
N LEU A 66 8.69 3.72 0.68
CA LEU A 66 7.61 3.20 -0.15
C LEU A 66 6.26 3.44 0.54
N ARG A 67 6.20 3.22 1.86
CA ARG A 67 4.97 3.48 2.60
C ARG A 67 4.63 4.96 2.56
N GLU A 68 5.62 5.83 2.78
CA GLU A 68 5.35 7.26 2.77
C GLU A 68 4.78 7.69 1.42
N ILE A 69 5.36 7.21 0.33
CA ILE A 69 4.92 7.57 -1.01
C ILE A 69 3.50 7.06 -1.25
N LYS A 70 3.25 5.79 -0.90
CA LYS A 70 1.91 5.23 -1.04
C LYS A 70 0.90 6.09 -0.28
N ILE A 71 1.19 6.35 0.99
CA ILE A 71 0.25 7.03 1.87
C ILE A 71 -0.02 8.44 1.36
N LEU A 72 1.03 9.15 0.93
CA LEU A 72 0.83 10.53 0.53
C LEU A 72 0.20 10.61 -0.85
N GLN A 73 0.29 9.54 -1.64
CA GLN A 73 -0.46 9.48 -2.89
C GLN A 73 -1.94 9.26 -2.60
N LEU A 74 -2.22 8.56 -1.49
CA LEU A 74 -3.60 8.30 -1.08
C LEU A 74 -4.20 9.49 -0.35
N LEU A 75 -3.58 9.93 0.75
CA LEU A 75 -4.18 10.96 1.57
C LEU A 75 -4.17 12.29 0.83
N LYS A 76 -5.33 12.91 0.71
CA LYS A 76 -5.46 14.26 0.15
C LYS A 76 -6.48 15.00 1.00
N HIS A 77 -6.01 15.97 1.77
CA HIS A 77 -6.87 16.68 2.70
C HIS A 77 -6.27 18.04 2.98
N GLU A 78 -7.13 18.98 3.39
CA GLU A 78 -6.68 20.35 3.56
C GLU A 78 -5.70 20.46 4.72
N ASN A 79 -5.72 19.50 5.64
CA ASN A 79 -4.85 19.51 6.81
C ASN A 79 -3.83 18.38 6.77
N VAL A 80 -3.59 17.80 5.58
CA VAL A 80 -2.51 16.84 5.36
C VAL A 80 -1.59 17.41 4.30
N VAL A 81 -0.28 17.34 4.55
CA VAL A 81 0.68 17.90 3.62
C VAL A 81 0.50 17.23 2.26
N ASN A 82 0.81 17.99 1.20
CA ASN A 82 0.55 17.55 -0.17
C ASN A 82 1.84 17.16 -0.87
N LEU A 83 1.89 15.94 -1.37
CA LEU A 83 2.99 15.48 -2.20
C LEU A 83 2.73 15.90 -3.64
N ILE A 84 3.71 16.57 -4.25
CA ILE A 84 3.59 17.09 -5.61
C ILE A 84 4.10 16.03 -6.57
N GLU A 85 5.35 15.60 -6.39
CA GLU A 85 5.95 14.61 -7.28
C GLU A 85 7.15 13.99 -6.58
N ILE A 86 7.83 13.11 -7.30
CA ILE A 86 9.05 12.48 -6.83
C ILE A 86 10.11 12.64 -7.92
N CYS A 87 11.27 13.14 -7.53
CA CYS A 87 12.33 13.48 -8.47
C CYS A 87 13.58 12.66 -8.19
N ARG A 88 14.47 12.63 -9.17
CA ARG A 88 15.69 11.85 -9.12
C ARG A 88 16.88 12.75 -9.41
N THR A 89 18.08 12.17 -9.29
CA THR A 89 19.32 12.82 -9.69
C THR A 89 20.01 11.97 -10.74
N LYS A 90 20.63 12.62 -11.71
CA LYS A 90 21.38 11.91 -12.74
C LYS A 90 22.59 11.22 -12.11
N ALA A 91 22.82 9.97 -12.51
CA ALA A 91 23.97 9.22 -12.01
C ALA A 91 25.27 9.96 -12.32
N SER A 92 25.91 10.49 -11.28
CA SER A 92 27.14 11.26 -11.44
C SER A 92 28.35 10.35 -11.64
N CYS A 97 28.86 9.11 -6.56
CA CYS A 97 28.64 8.96 -7.99
C CYS A 97 27.44 8.05 -8.28
N LYS A 98 26.40 8.19 -7.46
CA LYS A 98 25.18 7.40 -7.59
C LYS A 98 23.98 8.34 -7.59
N GLY A 99 22.79 7.75 -7.67
CA GLY A 99 21.56 8.51 -7.73
C GLY A 99 20.88 8.61 -6.37
N SER A 100 19.91 9.52 -6.30
CA SER A 100 19.12 9.74 -5.09
C SER A 100 17.71 10.18 -5.49
N ILE A 101 16.75 9.91 -4.61
CA ILE A 101 15.36 10.26 -4.84
C ILE A 101 14.98 11.39 -3.90
N TYR A 102 14.18 12.33 -4.40
CA TYR A 102 13.67 13.44 -3.62
C TYR A 102 12.15 13.45 -3.65
N LEU A 103 11.55 13.47 -2.46
CA LEU A 103 10.12 13.73 -2.33
C LEU A 103 9.90 15.23 -2.38
N VAL A 104 8.99 15.68 -3.24
CA VAL A 104 8.73 17.09 -3.45
C VAL A 104 7.38 17.42 -2.80
N PHE A 105 7.41 18.23 -1.74
CA PHE A 105 6.20 18.63 -1.04
C PHE A 105 5.89 20.10 -1.30
N ASP A 106 4.63 20.46 -1.10
CA ASP A 106 4.24 21.86 -1.04
C ASP A 106 4.87 22.50 0.20
N PHE A 107 5.47 23.66 0.02
CA PHE A 107 6.21 24.30 1.10
C PHE A 107 5.27 24.99 2.08
N CYS A 108 5.61 24.92 3.36
CA CYS A 108 4.88 25.62 4.41
C CYS A 108 5.82 26.57 5.13
N GLU A 109 5.37 27.81 5.32
CA GLU A 109 6.23 28.85 5.88
C GLU A 109 6.68 28.52 7.30
N HIS A 110 5.79 27.96 8.12
CA HIS A 110 6.07 27.75 9.54
C HIS A 110 5.89 26.30 9.95
N ASP A 111 6.53 25.97 11.06
CA ASP A 111 6.29 24.74 11.81
C ASP A 111 5.95 25.14 13.25
N LEU A 112 5.10 24.34 13.88
CA LEU A 112 4.53 24.74 15.17
C LEU A 112 5.63 24.95 16.21
N ALA A 113 6.66 24.11 16.22
CA ALA A 113 7.74 24.26 17.18
C ALA A 113 8.39 25.64 17.06
N GLY A 114 8.70 26.06 15.84
CA GLY A 114 9.30 27.36 15.64
C GLY A 114 8.42 28.47 16.18
N LEU A 115 7.12 28.42 15.90
CA LEU A 115 6.21 29.45 16.38
C LEU A 115 6.19 29.47 17.89
N LEU A 116 6.16 28.29 18.52
CA LEU A 116 6.07 28.21 19.98
C LEU A 116 7.35 28.70 20.64
N SER A 117 8.49 28.60 19.95
CA SER A 117 9.74 29.09 20.54
C SER A 117 9.89 30.60 20.36
N ASN A 118 9.26 31.17 19.33
CA ASN A 118 9.36 32.61 19.08
C ASN A 118 8.53 33.38 20.09
N VAL A 119 9.18 34.29 20.81
CA VAL A 119 8.51 35.00 21.89
C VAL A 119 7.55 36.07 21.38
N LEU A 120 7.77 36.58 20.16
CA LEU A 120 6.92 37.62 19.59
C LEU A 120 5.60 37.07 19.06
N VAL A 121 5.49 35.76 18.92
CA VAL A 121 4.27 35.12 18.44
C VAL A 121 3.36 34.93 19.66
N LYS A 122 2.15 35.48 19.58
CA LYS A 122 1.19 35.39 20.68
C LYS A 122 -0.09 34.73 20.16
N PHE A 123 -0.51 33.65 20.81
CA PHE A 123 -1.74 32.96 20.46
C PHE A 123 -2.87 33.44 21.35
N THR A 124 -4.00 33.81 20.75
CA THR A 124 -5.23 33.97 21.50
C THR A 124 -5.85 32.60 21.75
N LEU A 125 -6.74 32.51 22.74
CA LEU A 125 -7.41 31.24 23.00
C LEU A 125 -8.16 30.78 21.76
N SER A 126 -8.84 31.71 21.08
CA SER A 126 -9.57 31.37 19.86
C SER A 126 -8.66 30.74 18.81
N GLU A 127 -7.42 31.25 18.69
CA GLU A 127 -6.51 30.74 17.68
C GLU A 127 -6.00 29.37 18.08
N ILE A 128 -5.80 29.14 19.37
CA ILE A 128 -5.41 27.79 19.81
C ILE A 128 -6.53 26.82 19.49
N LYS A 129 -7.77 27.21 19.79
CA LYS A 129 -8.92 26.38 19.45
C LYS A 129 -8.89 26.03 17.96
N ARG A 130 -8.58 27.01 17.10
CA ARG A 130 -8.58 26.76 15.66
C ARG A 130 -7.44 25.83 15.26
N VAL A 131 -6.29 25.98 15.90
CA VAL A 131 -5.15 25.12 15.61
C VAL A 131 -5.48 23.68 15.97
N MET A 132 -6.04 23.48 17.16
CA MET A 132 -6.37 22.13 17.60
C MET A 132 -7.49 21.55 16.73
N GLN A 133 -8.40 22.40 16.26
CA GLN A 133 -9.49 21.94 15.41
C GLN A 133 -8.95 21.42 14.08
N MET A 134 -8.05 22.17 13.44
CA MET A 134 -7.47 21.72 12.19
C MET A 134 -6.62 20.47 12.41
N LEU A 135 -5.90 20.41 13.53
CA LEU A 135 -5.07 19.25 13.85
C LEU A 135 -5.94 18.01 13.95
N LEU A 136 -7.02 18.09 14.73
CA LEU A 136 -7.88 16.93 14.91
C LEU A 136 -8.63 16.59 13.62
N ASN A 137 -8.89 17.58 12.75
CA ASN A 137 -9.46 17.25 11.46
C ASN A 137 -8.50 16.40 10.65
N GLY A 138 -7.22 16.76 10.68
CA GLY A 138 -6.23 15.96 9.96
C GLY A 138 -6.12 14.56 10.53
N LEU A 139 -6.04 14.46 11.86
CA LEU A 139 -5.94 13.14 12.47
C LEU A 139 -7.19 12.32 12.17
N TYR A 140 -8.36 12.95 12.18
CA TYR A 140 -9.61 12.27 11.87
C TYR A 140 -9.56 11.73 10.45
N TYR A 141 -9.01 12.51 9.52
CA TYR A 141 -9.02 12.12 8.12
C TYR A 141 -8.07 10.95 7.90
N ILE A 142 -6.84 11.07 8.42
CA ILE A 142 -5.89 9.99 8.15
C ILE A 142 -6.32 8.73 8.88
N HIS A 143 -6.98 8.85 10.03
CA HIS A 143 -7.43 7.66 10.75
C HIS A 143 -8.58 6.99 10.02
N ARG A 144 -9.51 7.77 9.48
CA ARG A 144 -10.62 7.17 8.75
C ARG A 144 -10.16 6.55 7.44
N ASN A 145 -8.97 6.91 6.96
CA ASN A 145 -8.37 6.26 5.81
C ASN A 145 -7.41 5.15 6.22
N LYS A 146 -7.52 4.66 7.47
CA LYS A 146 -6.74 3.53 7.95
C LYS A 146 -5.25 3.80 7.87
N ILE A 147 -4.83 4.97 8.34
CA ILE A 147 -3.42 5.33 8.40
C ILE A 147 -3.08 5.83 9.80
N LEU A 148 -2.01 5.28 10.37
CA LEU A 148 -1.44 5.79 11.61
C LEU A 148 -0.26 6.68 11.28
N HIS A 149 -0.16 7.83 11.97
CA HIS A 149 0.96 8.73 11.74
C HIS A 149 2.22 8.25 12.44
N ARG A 150 2.11 7.90 13.72
CA ARG A 150 3.21 7.30 14.47
C ARG A 150 4.42 8.24 14.61
N ASP A 151 4.17 9.55 14.60
CA ASP A 151 5.25 10.52 14.83
C ASP A 151 4.69 11.91 15.11
N MET A 152 3.65 11.98 15.93
CA MET A 152 3.03 13.25 16.28
C MET A 152 3.95 14.06 17.19
N LYS A 153 4.37 15.22 16.72
CA LYS A 153 5.17 16.14 17.53
C LYS A 153 5.08 17.53 16.94
N ALA A 154 5.33 18.53 17.80
CA ALA A 154 5.15 19.93 17.41
C ALA A 154 5.87 20.24 16.11
N ALA A 155 7.07 19.67 15.93
CA ALA A 155 7.88 19.98 14.75
C ALA A 155 7.29 19.41 13.47
N ASN A 156 6.37 18.45 13.58
CA ASN A 156 5.72 17.85 12.41
C ASN A 156 4.34 18.44 12.15
N VAL A 157 4.00 19.56 12.78
CA VAL A 157 2.76 20.26 12.54
C VAL A 157 3.12 21.58 11.87
N LEU A 158 2.78 21.71 10.59
CA LEU A 158 3.09 22.88 9.79
C LEU A 158 1.89 23.82 9.72
N ILE A 159 2.18 25.10 9.50
CA ILE A 159 1.14 26.11 9.29
C ILE A 159 1.59 26.97 8.13
N THR A 160 0.72 27.09 7.12
CA THR A 160 1.03 27.84 5.92
C THR A 160 0.93 29.33 6.18
N ARG A 161 1.27 30.13 5.17
CA ARG A 161 1.19 31.57 5.33
C ARG A 161 -0.24 31.99 5.60
N ASP A 162 -1.20 31.27 5.04
CA ASP A 162 -2.62 31.58 5.18
C ASP A 162 -3.24 30.94 6.41
N GLY A 163 -2.43 30.40 7.31
CA GLY A 163 -2.92 29.86 8.56
C GLY A 163 -3.67 28.55 8.44
N VAL A 164 -3.26 27.68 7.50
CA VAL A 164 -3.85 26.37 7.30
C VAL A 164 -2.90 25.31 7.84
N LEU A 165 -3.34 24.58 8.86
CA LEU A 165 -2.50 23.58 9.49
C LEU A 165 -2.36 22.34 8.61
N LYS A 166 -1.16 21.76 8.57
CA LYS A 166 -0.87 20.58 7.77
C LYS A 166 -0.09 19.56 8.59
N LEU A 167 -0.62 18.36 8.73
CA LEU A 167 0.13 17.24 9.29
C LEU A 167 1.23 16.83 8.32
N ALA A 168 2.42 16.55 8.83
CA ALA A 168 3.56 16.29 7.96
C ALA A 168 4.49 15.24 8.53
N ASP A 169 5.45 14.84 7.70
CA ASP A 169 6.46 13.82 7.99
C ASP A 169 5.81 12.46 8.30
N PHE A 170 5.30 11.85 7.23
CA PHE A 170 4.69 10.53 7.27
C PHE A 170 5.72 9.42 7.06
N GLY A 171 7.01 9.70 7.24
CA GLY A 171 8.01 8.66 7.06
C GLY A 171 7.82 7.47 7.97
N LEU A 172 7.19 7.67 9.13
CA LEU A 172 6.96 6.61 10.09
C LEU A 172 5.54 6.08 10.07
N ALA A 173 4.70 6.57 9.16
CA ALA A 173 3.30 6.18 9.13
C ALA A 173 3.14 4.81 8.48
N ARG A 174 1.97 4.21 8.70
CA ARG A 174 1.62 2.96 8.05
C ARG A 174 0.11 2.76 8.11
N ALA A 175 -0.36 1.80 7.32
CA ALA A 175 -1.76 1.40 7.36
C ALA A 175 -1.97 0.42 8.49
N PHE A 176 -3.20 0.38 9.02
CA PHE A 176 -3.54 -0.56 10.08
C PHE A 176 -4.89 -1.19 9.79
N SER A 177 -5.21 -2.20 10.57
CA SER A 177 -6.38 -3.04 10.37
C SER A 177 -7.26 -3.06 11.61
N LEU A 178 -8.54 -3.35 11.39
CA LEU A 178 -9.47 -3.57 12.49
C LEU A 178 -9.75 -5.08 12.49
N ALA A 179 -8.67 -5.84 12.57
CA ALA A 179 -8.63 -7.24 12.21
C ALA A 179 -8.44 -8.12 13.44
N LYS A 180 -9.27 -9.16 13.60
CA LYS A 180 -10.54 -9.39 12.91
C LYS A 180 -11.46 -10.06 13.91
N ASN A 181 -11.32 -9.70 15.19
CA ASN A 181 -11.83 -10.50 16.30
C ASN A 181 -11.05 -11.80 16.41
N SER A 182 -9.81 -11.78 15.92
CA SER A 182 -8.98 -12.96 15.72
C SER A 182 -7.51 -12.59 15.90
N GLN A 183 -6.63 -13.18 15.09
CA GLN A 183 -5.19 -12.96 15.21
C GLN A 183 -4.89 -11.46 15.28
N PRO A 184 -4.36 -10.96 16.40
CA PRO A 184 -4.12 -9.53 16.50
C PRO A 184 -2.85 -9.12 15.77
N ASN A 185 -2.79 -7.84 15.45
CA ASN A 185 -1.63 -7.30 14.77
C ASN A 185 -0.42 -7.23 15.71
N ARG A 186 0.77 -7.33 15.12
CA ARG A 186 2.04 -7.13 15.80
C ARG A 186 2.79 -5.99 15.11
N TYR A 187 2.29 -4.77 15.26
CA TYR A 187 2.95 -3.60 14.65
C TYR A 187 4.31 -3.34 15.27
N TPO A 188 5.04 -2.39 14.68
CA TPO A 188 6.35 -1.98 15.19
CB TPO A 188 7.12 -1.24 14.12
CG2 TPO A 188 8.50 -0.88 14.65
OG1 TPO A 188 7.24 -2.10 12.99
P TPO A 188 6.45 -1.47 11.75
O1P TPO A 188 4.90 -1.29 12.11
O2P TPO A 188 6.59 -2.46 10.49
O3P TPO A 188 7.02 -0.15 11.42
C TPO A 188 6.18 -1.13 16.44
O TPO A 188 5.64 -0.03 16.41
N ASN A 189 6.67 -1.68 17.55
CA ASN A 189 6.52 -1.08 18.89
C ASN A 189 7.32 0.20 19.10
N ARG A 190 8.61 0.12 18.84
CA ARG A 190 9.52 1.26 19.04
C ARG A 190 9.27 2.32 17.97
N VAL A 191 8.19 3.08 18.16
CA VAL A 191 7.88 4.22 17.30
C VAL A 191 7.49 5.41 18.16
N VAL A 192 7.36 6.56 17.51
CA VAL A 192 7.07 7.85 18.16
C VAL A 192 8.21 8.40 19.01
N THR A 193 8.54 9.67 18.80
CA THR A 193 9.55 10.35 19.61
C THR A 193 9.23 10.19 21.09
N LEU A 194 10.26 9.89 21.88
CA LEU A 194 10.05 9.48 23.27
C LEU A 194 9.14 10.45 24.04
N TRP A 195 9.34 11.75 23.85
CA TRP A 195 8.57 12.72 24.61
C TRP A 195 7.08 12.62 24.33
N TYR A 196 6.70 12.30 23.09
CA TYR A 196 5.30 12.23 22.70
C TYR A 196 4.79 10.80 22.61
N ARG A 197 5.55 9.84 23.14
CA ARG A 197 5.16 8.43 23.05
C ARG A 197 4.16 8.09 24.14
N PRO A 198 3.06 7.41 23.81
CA PRO A 198 2.06 7.08 24.83
C PRO A 198 2.52 5.94 25.72
N PRO A 199 1.81 5.71 26.84
CA PRO A 199 2.23 4.63 27.76
C PRO A 199 2.28 3.26 27.12
N GLU A 200 1.24 2.88 26.36
CA GLU A 200 1.16 1.51 25.85
C GLU A 200 2.37 1.15 24.99
N LEU A 201 2.90 2.10 24.22
CA LEU A 201 4.08 1.81 23.42
C LEU A 201 5.29 1.57 24.31
N LEU A 202 5.39 2.30 25.42
CA LEU A 202 6.53 2.14 26.32
C LEU A 202 6.46 0.83 27.09
N LEU A 203 5.27 0.27 27.25
CA LEU A 203 5.06 -1.02 27.90
C LEU A 203 5.11 -2.18 26.91
N GLY A 204 5.45 -1.91 25.65
CA GLY A 204 5.70 -2.94 24.68
C GLY A 204 4.50 -3.38 23.88
N GLU A 205 3.44 -2.56 23.86
CA GLU A 205 2.26 -2.87 23.07
C GLU A 205 2.62 -2.94 21.60
N ARG A 206 2.12 -3.98 20.92
CA ARG A 206 2.32 -4.12 19.49
C ARG A 206 1.01 -4.21 18.73
N ASP A 207 -0.13 -4.22 19.42
CA ASP A 207 -1.43 -4.23 18.80
C ASP A 207 -2.15 -2.94 19.13
N TYR A 208 -1.48 -1.81 18.89
CA TYR A 208 -2.01 -0.49 19.23
C TYR A 208 -2.78 0.08 18.04
N GLY A 209 -3.21 1.34 18.15
CA GLY A 209 -3.99 1.95 17.11
C GLY A 209 -3.99 3.47 17.11
N PRO A 210 -5.00 4.05 16.46
CA PRO A 210 -5.10 5.51 16.35
C PRO A 210 -4.92 6.25 17.66
N PRO A 211 -5.35 5.70 18.80
CA PRO A 211 -5.17 6.46 20.05
C PRO A 211 -3.77 6.99 20.29
N ILE A 212 -2.72 6.34 19.78
CA ILE A 212 -1.38 6.82 20.09
C ILE A 212 -1.16 8.20 19.49
N ASP A 213 -1.80 8.47 18.36
CA ASP A 213 -1.62 9.77 17.73
C ASP A 213 -2.32 10.84 18.54
N LEU A 214 -3.44 10.48 19.15
CA LEU A 214 -4.16 11.50 19.89
C LEU A 214 -3.45 11.78 21.20
N TRP A 215 -2.64 10.84 21.69
CA TRP A 215 -1.78 11.18 22.83
C TRP A 215 -0.88 12.33 22.45
N GLY A 216 -0.26 12.25 21.27
CA GLY A 216 0.58 13.34 20.84
C GLY A 216 -0.20 14.63 20.72
N ALA A 217 -1.44 14.54 20.25
CA ALA A 217 -2.25 15.75 20.13
C ALA A 217 -2.45 16.40 21.48
N GLY A 218 -2.67 15.59 22.53
CA GLY A 218 -2.78 16.17 23.86
C GLY A 218 -1.49 16.85 24.25
N CYS A 219 -0.36 16.18 24.04
CA CYS A 219 0.91 16.80 24.37
C CYS A 219 1.08 18.09 23.59
N ILE A 220 0.70 18.09 22.31
CA ILE A 220 0.85 19.29 21.52
C ILE A 220 -0.10 20.36 22.04
N MET A 221 -1.30 19.96 22.44
CA MET A 221 -2.24 20.97 22.90
C MET A 221 -1.71 21.63 24.15
N ALA A 222 -1.05 20.86 25.02
CA ALA A 222 -0.48 21.46 26.21
C ALA A 222 0.63 22.44 25.84
N GLU A 223 1.39 22.13 24.80
CA GLU A 223 2.47 23.03 24.44
C GLU A 223 1.93 24.36 23.97
N MET A 224 0.68 24.38 23.47
CA MET A 224 0.12 25.64 22.98
C MET A 224 0.11 26.68 24.08
N TRP A 225 0.10 26.25 25.33
CA TRP A 225 0.11 27.15 26.46
C TRP A 225 1.44 27.13 27.20
N THR A 226 2.09 25.96 27.26
CA THR A 226 3.35 25.88 28.00
C THR A 226 4.54 26.33 27.17
N ARG A 227 4.43 26.34 25.84
CA ARG A 227 5.53 26.73 24.97
C ARG A 227 6.77 25.87 25.20
N SER A 228 6.59 24.68 25.78
CA SER A 228 7.70 23.77 26.04
C SER A 228 7.18 22.36 26.29
N PRO A 229 7.76 21.34 25.66
CA PRO A 229 7.29 19.97 25.88
C PRO A 229 7.12 19.65 27.36
N ILE A 230 5.97 19.06 27.70
CA ILE A 230 5.55 18.95 29.09
C ILE A 230 6.19 17.78 29.81
N MET A 231 6.76 16.81 29.08
CA MET A 231 7.42 15.65 29.69
C MET A 231 8.68 15.33 28.89
N GLN A 232 9.79 15.92 29.31
CA GLN A 232 11.06 15.81 28.57
C GLN A 232 11.93 14.74 29.23
N GLY A 233 11.53 13.50 29.02
CA GLY A 233 12.27 12.37 29.54
C GLY A 233 13.56 12.13 28.75
N ASN A 234 14.45 11.37 29.38
CA ASN A 234 15.74 11.04 28.77
C ASN A 234 15.88 9.57 28.43
N THR A 235 15.03 8.71 29.00
CA THR A 235 15.01 7.30 28.67
C THR A 235 13.56 6.83 28.65
N GLU A 236 13.34 5.62 28.11
CA GLU A 236 11.97 5.12 28.06
C GLU A 236 11.43 4.94 29.46
N GLN A 237 12.29 4.51 30.40
CA GLN A 237 11.86 4.36 31.78
C GLN A 237 11.64 5.71 32.42
N HIS A 238 12.56 6.65 32.18
CA HIS A 238 12.39 8.01 32.69
C HIS A 238 11.08 8.60 32.17
N GLN A 239 10.81 8.43 30.88
CA GLN A 239 9.57 8.94 30.30
C GLN A 239 8.37 8.29 30.97
N LEU A 240 8.44 6.99 31.23
CA LEU A 240 7.33 6.32 31.89
C LEU A 240 7.13 6.89 33.29
N ALA A 241 8.23 7.19 33.98
CA ALA A 241 8.15 7.78 35.31
C ALA A 241 7.48 9.14 35.25
N LEU A 242 7.90 9.98 34.29
CA LEU A 242 7.29 11.29 34.13
C LEU A 242 5.80 11.17 33.85
N ILE A 243 5.42 10.20 33.01
CA ILE A 243 4.00 10.01 32.71
C ILE A 243 3.25 9.61 33.98
N SER A 244 3.83 8.72 34.77
CA SER A 244 3.18 8.32 36.02
C SER A 244 3.03 9.52 36.95
N GLN A 245 4.08 10.33 37.05
CA GLN A 245 4.06 11.53 37.90
C GLN A 245 2.96 12.49 37.49
N LEU A 246 2.74 12.66 36.18
CA LEU A 246 1.80 13.70 35.74
C LEU A 246 0.36 13.18 35.64
N CYS A 247 0.18 11.98 35.10
CA CYS A 247 -1.13 11.42 34.79
C CYS A 247 -1.62 10.42 35.83
N GLY A 248 -0.78 10.06 36.80
CA GLY A 248 -1.11 9.08 37.81
C GLY A 248 -0.48 7.73 37.51
N SER A 249 -0.44 6.89 38.55
CA SER A 249 0.21 5.60 38.43
C SER A 249 -0.54 4.65 37.51
N ILE A 250 0.21 3.84 36.78
CA ILE A 250 -0.34 2.86 35.85
C ILE A 250 -0.73 1.62 36.66
N THR A 251 -2.04 1.40 36.82
CA THR A 251 -2.53 0.31 37.65
C THR A 251 -3.74 -0.34 36.99
N PRO A 252 -3.97 -1.64 37.24
CA PRO A 252 -5.16 -2.31 36.68
C PRO A 252 -6.45 -1.59 37.03
N GLU A 253 -6.43 -0.84 38.13
CA GLU A 253 -7.64 -0.13 38.57
C GLU A 253 -8.00 0.97 37.58
N VAL A 254 -6.97 1.62 37.02
CA VAL A 254 -7.16 2.72 36.07
C VAL A 254 -6.93 2.28 34.64
N TRP A 255 -6.42 1.06 34.44
CA TRP A 255 -6.07 0.57 33.11
C TRP A 255 -6.26 -0.94 33.09
N PRO A 256 -7.51 -1.40 32.99
CA PRO A 256 -7.79 -2.85 33.00
C PRO A 256 -6.87 -3.63 32.08
N ASN A 257 -6.39 -4.77 32.58
CA ASN A 257 -5.58 -5.73 31.85
C ASN A 257 -4.17 -5.22 31.52
N VAL A 258 -3.74 -4.13 32.15
CA VAL A 258 -2.35 -3.72 31.99
C VAL A 258 -1.41 -4.74 32.63
N ASP A 259 -1.93 -5.60 33.50
CA ASP A 259 -1.12 -6.67 34.08
C ASP A 259 -0.49 -7.53 32.99
N ASN A 260 -1.23 -7.74 31.90
CA ASN A 260 -0.84 -8.71 30.87
C ASN A 260 0.44 -8.31 30.15
N TYR A 261 0.87 -7.05 30.25
CA TYR A 261 2.12 -6.64 29.63
C TYR A 261 3.28 -7.36 30.31
N GLU A 262 4.10 -8.04 29.51
CA GLU A 262 5.25 -8.77 30.07
C GLU A 262 6.10 -7.88 30.96
N LEU A 263 6.22 -6.61 30.61
CA LEU A 263 7.13 -5.68 31.28
C LEU A 263 6.45 -4.79 32.32
N TYR A 264 5.16 -4.99 32.60
CA TYR A 264 4.48 -4.11 33.55
C TYR A 264 5.11 -4.12 34.93
N GLU A 265 5.51 -5.29 35.43
CA GLU A 265 6.20 -5.34 36.72
C GLU A 265 7.70 -5.42 36.57
N LYS A 266 8.19 -5.95 35.45
CA LYS A 266 9.62 -6.05 35.23
C LYS A 266 10.28 -4.68 35.17
N LEU A 267 9.49 -3.63 34.95
CA LEU A 267 10.04 -2.28 34.83
C LEU A 267 9.83 -1.46 36.08
N GLU A 268 8.89 -1.85 36.93
CA GLU A 268 8.62 -1.13 38.18
C GLU A 268 8.26 0.32 37.91
N LEU A 269 6.97 0.63 38.05
CA LEU A 269 6.41 1.94 37.79
C LEU A 269 5.98 2.51 39.13
N VAL A 270 6.28 3.78 39.35
CA VAL A 270 5.91 4.42 40.61
C VAL A 270 4.41 4.32 40.83
N LYS A 271 4.04 3.95 42.06
CA LYS A 271 2.67 3.57 42.39
C LYS A 271 1.90 4.63 43.17
N GLY A 272 2.59 5.56 43.82
CA GLY A 272 1.91 6.51 44.69
C GLY A 272 1.25 7.64 43.94
N GLN A 273 1.90 8.10 42.87
CA GLN A 273 1.50 9.30 42.16
C GLN A 273 0.00 9.32 41.86
N LYS A 274 -0.65 10.41 42.26
CA LYS A 274 -2.02 10.68 41.86
C LYS A 274 -2.00 11.52 40.58
N ARG A 275 -3.16 11.64 39.94
CA ARG A 275 -3.24 12.40 38.71
C ARG A 275 -3.18 13.90 38.99
N LYS A 276 -2.32 14.61 38.26
CA LYS A 276 -2.10 16.04 38.50
C LYS A 276 -2.11 16.83 37.19
N VAL A 277 -2.75 16.32 36.15
CA VAL A 277 -2.74 17.01 34.86
C VAL A 277 -3.32 18.41 34.99
N LYS A 278 -4.56 18.49 35.49
CA LYS A 278 -5.18 19.80 35.66
C LYS A 278 -4.48 20.60 36.73
N ASP A 279 -4.10 19.97 37.83
CA ASP A 279 -3.41 20.68 38.91
C ASP A 279 -2.18 21.42 38.38
N ARG A 280 -1.36 20.72 37.60
CA ARG A 280 -0.10 21.27 37.12
C ARG A 280 -0.26 22.20 35.92
N LEU A 281 -1.31 22.03 35.11
CA LEU A 281 -1.49 22.83 33.91
C LEU A 281 -2.41 24.02 34.10
N LYS A 282 -3.17 24.05 35.19
CA LYS A 282 -4.05 25.18 35.52
C LYS A 282 -3.38 26.53 35.29
N ALA A 283 -2.18 26.74 35.85
CA ALA A 283 -1.54 28.04 35.75
C ALA A 283 -1.24 28.42 34.31
N TYR A 284 -1.00 27.44 33.43
CA TYR A 284 -0.66 27.77 32.06
C TYR A 284 -1.89 27.90 31.17
N VAL A 285 -2.84 26.97 31.29
CA VAL A 285 -3.97 26.91 30.38
C VAL A 285 -5.11 27.83 30.84
N ARG A 286 -5.44 27.79 32.12
CA ARG A 286 -6.48 28.62 32.73
C ARG A 286 -7.89 28.24 32.24
N ASP A 287 -8.10 28.19 30.93
CA ASP A 287 -9.43 27.90 30.42
C ASP A 287 -9.92 26.55 30.93
N PRO A 288 -11.14 26.46 31.47
CA PRO A 288 -11.63 25.19 32.02
C PRO A 288 -11.81 24.11 30.97
N TYR A 289 -12.51 24.47 29.88
CA TYR A 289 -12.77 23.51 28.82
C TYR A 289 -11.46 22.99 28.23
N ALA A 290 -10.50 23.89 28.01
CA ALA A 290 -9.20 23.47 27.51
C ALA A 290 -8.58 22.41 28.41
N LEU A 291 -8.56 22.66 29.72
CA LEU A 291 -8.02 21.70 30.67
C LEU A 291 -8.76 20.37 30.56
N ASP A 292 -10.08 20.41 30.42
CA ASP A 292 -10.84 19.17 30.35
C ASP A 292 -10.44 18.37 29.11
N LEU A 293 -10.34 19.03 27.96
CA LEU A 293 -9.98 18.34 26.73
C LEU A 293 -8.57 17.76 26.84
N ILE A 294 -7.64 18.51 27.43
CA ILE A 294 -6.29 17.98 27.63
C ILE A 294 -6.34 16.77 28.55
N ASP A 295 -7.23 16.81 29.55
CA ASP A 295 -7.36 15.71 30.49
C ASP A 295 -7.84 14.46 29.77
N LYS A 296 -8.75 14.64 28.82
CA LYS A 296 -9.28 13.49 28.08
C LYS A 296 -8.29 12.97 27.06
N LEU A 297 -7.36 13.83 26.60
CA LEU A 297 -6.39 13.42 25.61
C LEU A 297 -5.23 12.66 26.22
N LEU A 298 -4.88 12.97 27.47
CA LEU A 298 -3.76 12.34 28.17
C LEU A 298 -4.22 11.25 29.13
N VAL A 299 -5.27 10.52 28.78
CA VAL A 299 -5.67 9.35 29.53
C VAL A 299 -4.67 8.22 29.32
N LEU A 300 -4.37 7.50 30.39
CA LEU A 300 -3.37 6.43 30.35
C LEU A 300 -3.85 5.26 29.50
N ASP A 301 -5.00 4.70 29.84
CA ASP A 301 -5.54 3.55 29.12
C ASP A 301 -6.01 3.95 27.72
N PRO A 302 -5.40 3.45 26.65
CA PRO A 302 -5.80 3.88 25.30
C PRO A 302 -7.24 3.54 24.97
N ALA A 303 -7.82 2.54 25.62
CA ALA A 303 -9.21 2.18 25.39
C ALA A 303 -10.18 3.27 25.83
N GLN A 304 -9.74 4.14 26.74
CA GLN A 304 -10.57 5.20 27.29
C GLN A 304 -10.20 6.58 26.78
N ARG A 305 -9.08 6.69 26.06
CA ARG A 305 -8.65 7.97 25.51
C ARG A 305 -9.62 8.46 24.43
N ILE A 306 -9.88 9.77 24.46
CA ILE A 306 -10.82 10.37 23.51
C ILE A 306 -10.31 10.22 22.08
N ASP A 307 -11.25 10.16 21.14
CA ASP A 307 -10.94 10.02 19.72
C ASP A 307 -11.24 11.31 18.97
N SER A 308 -10.67 11.42 17.77
CA SER A 308 -10.76 12.64 16.98
C SER A 308 -12.17 13.20 16.92
N ASP A 309 -13.17 12.34 16.70
CA ASP A 309 -14.53 12.81 16.52
C ASP A 309 -15.10 13.36 17.81
N ASP A 310 -14.89 12.63 18.91
CA ASP A 310 -15.35 13.10 20.21
C ASP A 310 -14.65 14.38 20.58
N ALA A 311 -13.34 14.47 20.30
CA ALA A 311 -12.61 15.69 20.60
C ALA A 311 -13.22 16.85 19.82
N LEU A 312 -13.56 16.62 18.55
CA LEU A 312 -14.09 17.69 17.70
C LEU A 312 -15.51 18.06 18.07
N ASN A 313 -16.21 17.24 18.86
CA ASN A 313 -17.53 17.60 19.35
C ASN A 313 -17.47 18.14 20.78
N HIS A 314 -16.28 18.15 21.37
CA HIS A 314 -16.07 18.65 22.73
C HIS A 314 -16.42 20.13 22.84
N ASP A 315 -16.90 20.53 24.02
CA ASP A 315 -17.41 21.89 24.20
C ASP A 315 -16.32 22.92 23.92
N PHE A 316 -15.05 22.55 24.11
CA PHE A 316 -13.92 23.40 23.80
C PHE A 316 -14.02 24.04 22.42
N PHE A 317 -14.62 23.33 21.46
CA PHE A 317 -14.71 23.78 20.09
C PHE A 317 -16.02 24.47 19.77
N TRP A 318 -16.97 24.48 20.71
CA TRP A 318 -18.31 24.99 20.48
C TRP A 318 -18.75 25.94 21.59
N SER A 319 -17.82 26.37 22.45
CA SER A 319 -18.08 27.39 23.45
C SER A 319 -17.36 28.68 23.08
N ASP A 320 -17.82 29.78 23.66
CA ASP A 320 -17.18 31.06 23.40
C ASP A 320 -15.83 31.10 24.10
N PRO A 321 -14.79 31.68 23.47
CA PRO A 321 -14.76 32.24 22.11
C PRO A 321 -14.62 31.15 21.04
N MET A 322 -15.40 31.25 19.96
CA MET A 322 -15.31 30.29 18.88
C MET A 322 -13.93 30.39 18.21
N PRO A 323 -13.49 29.32 17.52
CA PRO A 323 -12.20 29.38 16.84
C PRO A 323 -12.17 30.48 15.78
N SER A 324 -10.99 31.07 15.59
CA SER A 324 -10.79 32.11 14.60
C SER A 324 -9.55 31.84 13.76
N ASP A 325 -9.48 32.54 12.63
CA ASP A 325 -8.39 32.36 11.68
C ASP A 325 -7.07 32.83 12.28
N LEU A 326 -5.98 32.18 11.84
CA LEU A 326 -4.67 32.44 12.40
C LEU A 326 -3.98 33.67 11.80
N LYS A 327 -4.22 33.96 10.52
CA LYS A 327 -3.55 35.06 9.81
C LYS A 327 -3.13 36.22 10.69
N GLY A 328 -3.99 36.63 11.62
CA GLY A 328 -3.66 37.69 12.56
C GLY A 328 -2.38 37.44 13.33
N MET A 329 -2.40 36.38 14.15
CA MET A 329 -1.27 36.08 15.03
C MET A 329 0.03 35.85 14.28
N LEU A 330 -0.03 35.38 13.02
CA LEU A 330 1.18 34.94 12.34
C LEU A 330 2.07 36.11 11.92
N SER A 331 1.50 37.29 11.71
CA SER A 331 2.28 38.43 11.24
C SER A 331 3.21 39.03 12.31
N THR A 332 3.30 38.44 13.50
CA THR A 332 4.19 38.92 14.55
C THR A 332 5.23 37.87 14.91
N ASN B 7 -6.68 13.99 -18.85
CA ASN B 7 -6.35 12.68 -19.41
C ASN B 7 -5.17 12.06 -18.67
N ASN B 8 -5.26 12.01 -17.35
CA ASN B 8 -4.23 11.38 -16.53
C ASN B 8 -4.57 9.93 -16.22
N ASN B 9 -5.85 9.55 -16.29
CA ASN B 9 -6.22 8.15 -16.18
C ASN B 9 -5.60 7.36 -17.32
N LYS B 10 -5.82 7.83 -18.54
CA LYS B 10 -5.39 7.19 -19.78
C LYS B 10 -3.86 7.09 -19.88
N ARG B 11 -3.12 7.55 -18.86
CA ARG B 11 -1.68 7.37 -18.88
C ARG B 11 -1.32 5.89 -18.93
N TRP B 12 -1.76 5.11 -17.94
CA TRP B 12 -1.41 3.71 -17.89
C TRP B 12 -2.50 2.83 -18.48
N TYR B 13 -3.37 3.42 -19.32
CA TYR B 13 -4.33 2.68 -20.11
C TYR B 13 -4.16 3.12 -21.55
N PHE B 14 -4.12 2.17 -22.49
CA PHE B 14 -3.69 2.48 -23.83
C PHE B 14 -4.71 2.01 -24.86
N THR B 15 -4.66 2.66 -26.01
CA THR B 15 -5.43 2.29 -27.19
C THR B 15 -4.61 1.30 -28.00
N ARG B 16 -5.26 0.64 -28.96
CA ARG B 16 -4.52 -0.32 -29.76
C ARG B 16 -3.43 0.37 -30.57
N GLU B 17 -3.65 1.63 -30.96
CA GLU B 17 -2.62 2.39 -31.65
C GLU B 17 -1.39 2.60 -30.77
N GLN B 18 -1.61 2.85 -29.47
CA GLN B 18 -0.50 3.08 -28.55
C GLN B 18 0.24 1.78 -28.24
N LEU B 19 -0.52 0.69 -28.07
CA LEU B 19 0.08 -0.62 -27.80
C LEU B 19 0.88 -1.11 -29.00
N GLU B 20 0.39 -0.86 -30.21
CA GLU B 20 1.11 -1.24 -31.42
C GLU B 20 2.45 -0.53 -31.53
N ASN B 21 2.55 0.72 -31.07
CA ASN B 21 3.81 1.46 -31.11
C ASN B 21 4.50 1.41 -29.75
N SER B 22 4.78 0.19 -29.32
CA SER B 22 5.42 -0.04 -28.03
C SER B 22 6.91 0.30 -28.09
N PRO B 23 7.54 0.52 -26.93
CA PRO B 23 9.00 0.71 -26.92
C PRO B 23 9.75 -0.46 -27.53
N SER B 24 9.15 -1.65 -27.53
CA SER B 24 9.79 -2.82 -28.13
C SER B 24 9.62 -2.82 -29.63
N ARG B 25 8.50 -2.29 -30.12
CA ARG B 25 8.30 -2.13 -31.56
C ARG B 25 9.35 -1.19 -32.14
N ARG B 26 9.72 -0.16 -31.37
CA ARG B 26 10.74 0.79 -31.82
C ARG B 26 12.05 0.09 -32.15
N PHE B 27 12.34 -1.02 -31.48
CA PHE B 27 13.58 -1.75 -31.69
C PHE B 27 13.38 -3.03 -32.50
N GLY B 28 12.28 -3.13 -33.24
CA GLY B 28 12.05 -4.29 -34.08
C GLY B 28 11.79 -5.54 -33.27
N VAL B 29 10.64 -5.60 -32.60
CA VAL B 29 10.22 -6.79 -31.87
C VAL B 29 8.76 -7.08 -32.23
N ASP B 30 8.54 -8.22 -32.84
CA ASP B 30 7.21 -8.59 -33.31
C ASP B 30 6.18 -8.50 -32.18
N PRO B 31 4.97 -8.04 -32.47
CA PRO B 31 3.92 -8.00 -31.43
C PRO B 31 3.80 -9.30 -30.65
N ASP B 32 3.71 -10.43 -31.35
CA ASP B 32 3.59 -11.73 -30.70
C ASP B 32 4.80 -12.03 -29.84
N LYS B 33 5.97 -11.53 -30.23
CA LYS B 33 7.18 -11.83 -29.46
C LYS B 33 7.20 -11.01 -28.18
N GLU B 34 6.70 -9.77 -28.23
CA GLU B 34 6.60 -8.97 -27.03
C GLU B 34 5.58 -9.60 -26.07
N LEU B 35 4.42 -9.97 -26.60
CA LEU B 35 3.40 -10.60 -25.76
C LEU B 35 3.95 -11.88 -25.14
N SER B 36 4.78 -12.62 -25.88
CA SER B 36 5.41 -13.81 -25.32
C SER B 36 6.32 -13.46 -24.16
N TYR B 37 7.19 -12.45 -24.36
CA TYR B 37 8.07 -12.04 -23.26
C TYR B 37 7.25 -11.65 -22.03
N ARG B 38 6.10 -11.01 -22.26
CA ARG B 38 5.24 -10.63 -21.14
C ARG B 38 4.71 -11.86 -20.43
N GLN B 39 4.18 -12.83 -21.18
CA GLN B 39 3.64 -14.04 -20.57
C GLN B 39 4.72 -14.79 -19.79
N GLN B 40 5.93 -14.84 -20.35
CA GLN B 40 7.03 -15.52 -19.67
C GLN B 40 7.40 -14.81 -18.38
N ALA B 41 7.49 -13.47 -18.43
CA ALA B 41 7.77 -12.72 -17.21
C ALA B 41 6.71 -13.00 -16.15
N ALA B 42 5.44 -13.00 -16.54
CA ALA B 42 4.36 -13.31 -15.60
C ALA B 42 4.53 -14.69 -14.99
N ASN B 43 4.83 -15.70 -15.83
CA ASN B 43 5.02 -17.06 -15.31
C ASN B 43 6.20 -17.13 -14.35
N LEU B 44 7.30 -16.45 -14.67
CA LEU B 44 8.46 -16.44 -13.80
C LEU B 44 8.14 -15.77 -12.48
N LEU B 45 7.39 -14.66 -12.54
CA LEU B 45 6.97 -13.96 -11.33
C LEU B 45 6.14 -14.90 -10.45
N GLN B 46 5.22 -15.63 -11.08
CA GLN B 46 4.36 -16.54 -10.31
C GLN B 46 5.19 -17.64 -9.65
N ASP B 47 6.16 -18.19 -10.38
CA ASP B 47 7.00 -19.25 -9.84
C ASP B 47 7.80 -18.75 -8.65
N MET B 48 8.59 -17.69 -8.87
CA MET B 48 9.37 -17.11 -7.77
C MET B 48 8.46 -16.80 -6.59
N GLY B 49 7.30 -16.19 -6.84
CA GLY B 49 6.40 -15.85 -5.75
C GLY B 49 5.95 -17.07 -4.96
N GLN B 50 5.69 -18.18 -5.66
CA GLN B 50 5.25 -19.38 -4.97
C GLN B 50 6.38 -20.02 -4.18
N ARG B 51 7.63 -19.87 -4.65
CA ARG B 51 8.74 -20.41 -3.89
C ARG B 51 9.03 -19.55 -2.65
N LEU B 52 8.94 -18.23 -2.81
CA LEU B 52 9.11 -17.31 -1.68
C LEU B 52 7.93 -17.39 -0.73
N ASN B 53 6.79 -17.89 -1.20
CA ASN B 53 5.56 -17.96 -0.40
C ASN B 53 5.06 -16.56 -0.05
N VAL B 54 4.97 -15.70 -1.07
CA VAL B 54 4.36 -14.39 -0.92
C VAL B 54 2.89 -14.48 -1.31
N SER B 55 2.12 -13.45 -1.00
CA SER B 55 0.72 -13.40 -1.36
C SER B 55 0.53 -13.33 -2.86
N GLN B 56 -0.64 -13.79 -3.33
CA GLN B 56 -0.99 -13.64 -4.73
C GLN B 56 -1.07 -12.16 -5.11
N LEU B 57 -1.46 -11.31 -4.16
CA LEU B 57 -1.50 -9.87 -4.38
C LEU B 57 -0.15 -9.34 -4.82
N THR B 58 0.93 -9.79 -4.15
CA THR B 58 2.28 -9.38 -4.53
C THR B 58 2.58 -9.75 -5.97
N ILE B 59 2.28 -10.99 -6.36
CA ILE B 59 2.55 -11.44 -7.73
C ILE B 59 1.76 -10.59 -8.72
N ASN B 60 0.47 -10.39 -8.46
CA ASN B 60 -0.35 -9.59 -9.37
C ASN B 60 0.20 -8.18 -9.52
N THR B 61 0.63 -7.58 -8.41
CA THR B 61 1.19 -6.24 -8.47
C THR B 61 2.48 -6.24 -9.29
N ALA B 62 3.34 -7.24 -9.08
CA ALA B 62 4.57 -7.34 -9.84
C ALA B 62 4.26 -7.46 -11.34
N ILE B 63 3.20 -8.20 -11.67
CA ILE B 63 2.85 -8.38 -13.08
C ILE B 63 2.38 -7.07 -13.67
N VAL B 64 1.61 -6.28 -12.91
CA VAL B 64 1.15 -5.01 -13.44
C VAL B 64 2.33 -4.06 -13.61
N TYR B 65 3.27 -4.10 -12.65
CA TYR B 65 4.50 -3.33 -12.78
C TYR B 65 5.20 -3.69 -14.08
N MET B 66 5.39 -4.99 -14.32
CA MET B 66 6.07 -5.45 -15.54
C MET B 66 5.36 -4.95 -16.80
N HIS B 67 4.04 -5.12 -16.85
CA HIS B 67 3.27 -4.69 -18.01
C HIS B 67 3.46 -3.19 -18.26
N ARG B 68 3.48 -2.39 -17.19
CA ARG B 68 3.60 -0.95 -17.38
C ARG B 68 5.04 -0.56 -17.69
N PHE B 69 5.99 -1.25 -17.07
CA PHE B 69 7.41 -1.03 -17.32
C PHE B 69 7.73 -1.18 -18.79
N TYR B 70 7.15 -2.18 -19.45
CA TYR B 70 7.51 -2.47 -20.84
C TYR B 70 6.66 -1.69 -21.82
N MET B 71 5.89 -0.72 -21.35
CA MET B 71 5.27 0.29 -22.20
C MET B 71 6.13 1.55 -22.29
N ILE B 72 7.27 1.56 -21.57
CA ILE B 72 8.21 2.67 -21.60
C ILE B 72 9.60 2.19 -22.02
N GLN B 73 10.07 1.09 -21.43
CA GLN B 73 11.35 0.48 -21.75
C GLN B 73 11.16 -0.67 -22.71
N SER B 74 12.25 -1.07 -23.35
CA SER B 74 12.23 -2.14 -24.35
C SER B 74 12.90 -3.40 -23.80
N PHE B 75 12.40 -4.55 -24.26
CA PHE B 75 12.99 -5.82 -23.87
C PHE B 75 14.42 -5.95 -24.39
N THR B 76 14.74 -5.24 -25.47
CA THR B 76 16.12 -5.21 -25.95
C THR B 76 17.08 -4.79 -24.84
N GLN B 77 16.74 -3.73 -24.12
CA GLN B 77 17.63 -3.14 -23.13
C GLN B 77 17.49 -3.84 -21.79
N PHE B 78 16.28 -4.25 -21.42
CA PHE B 78 16.03 -4.86 -20.13
C PHE B 78 15.39 -6.23 -20.33
N PRO B 79 16.14 -7.33 -20.17
CA PRO B 79 15.55 -8.67 -20.31
C PRO B 79 14.51 -8.94 -19.25
N GLY B 80 13.43 -9.65 -19.65
CA GLY B 80 12.39 -10.00 -18.71
C GLY B 80 12.86 -10.82 -17.53
N ASN B 81 13.88 -11.67 -17.74
CA ASN B 81 14.34 -12.57 -16.69
C ASN B 81 15.20 -11.85 -15.66
N SER B 82 15.61 -10.62 -15.95
CA SER B 82 16.36 -9.77 -15.03
C SER B 82 15.45 -8.76 -14.35
N VAL B 83 14.48 -8.23 -15.09
CA VAL B 83 13.53 -7.28 -14.53
C VAL B 83 12.59 -7.96 -13.54
N ALA B 84 12.18 -9.20 -13.83
CA ALA B 84 11.13 -9.83 -13.02
C ALA B 84 11.50 -9.94 -11.55
N PRO B 85 12.69 -10.42 -11.17
CA PRO B 85 13.01 -10.51 -9.74
C PRO B 85 13.02 -9.15 -9.06
N ALA B 86 13.44 -8.11 -9.77
CA ALA B 86 13.42 -6.77 -9.17
C ALA B 86 11.98 -6.33 -8.92
N ALA B 87 11.11 -6.55 -9.90
CA ALA B 87 9.71 -6.14 -9.76
C ALA B 87 9.07 -6.88 -8.59
N LEU B 88 9.34 -8.19 -8.47
CA LEU B 88 8.76 -8.95 -7.37
C LEU B 88 9.31 -8.49 -6.02
N PHE B 89 10.62 -8.24 -5.96
CA PHE B 89 11.24 -7.74 -4.74
C PHE B 89 10.60 -6.43 -4.31
N LEU B 90 10.29 -5.56 -5.28
CA LEU B 90 9.65 -4.29 -4.96
C LEU B 90 8.20 -4.50 -4.50
N ALA B 91 7.45 -5.31 -5.25
CA ALA B 91 6.05 -5.56 -4.89
C ALA B 91 5.95 -6.14 -3.49
N ALA B 92 6.89 -7.00 -3.10
CA ALA B 92 6.85 -7.58 -1.76
C ALA B 92 6.84 -6.49 -0.71
N LYS B 93 7.60 -5.42 -0.93
CA LYS B 93 7.61 -4.30 0.01
C LYS B 93 6.30 -3.52 -0.11
N VAL B 94 5.93 -3.16 -1.34
CA VAL B 94 4.72 -2.37 -1.56
C VAL B 94 3.51 -3.04 -0.92
N GLU B 95 3.41 -4.36 -1.04
CA GLU B 95 2.29 -5.11 -0.49
C GLU B 95 2.57 -5.65 0.90
N GLU B 96 3.47 -5.02 1.65
CA GLU B 96 3.64 -5.28 3.08
C GLU B 96 3.94 -6.75 3.36
N GLN B 97 4.73 -7.39 2.50
CA GLN B 97 5.26 -8.73 2.77
C GLN B 97 6.70 -8.83 2.28
N PRO B 98 7.57 -7.95 2.78
CA PRO B 98 8.93 -7.86 2.24
C PRO B 98 9.74 -9.15 2.45
N LYS B 99 10.59 -9.44 1.47
CA LYS B 99 11.48 -10.60 1.52
C LYS B 99 12.93 -10.13 1.43
N LYS B 100 13.81 -10.81 2.16
CA LYS B 100 15.22 -10.44 2.17
C LYS B 100 15.82 -10.54 0.77
N LEU B 101 16.64 -9.55 0.43
CA LEU B 101 17.27 -9.53 -0.90
C LEU B 101 18.05 -10.81 -1.17
N GLU B 102 18.76 -11.32 -0.16
CA GLU B 102 19.46 -12.59 -0.29
C GLU B 102 18.50 -13.70 -0.69
N HIS B 103 17.35 -13.78 -0.03
CA HIS B 103 16.39 -14.84 -0.31
C HIS B 103 15.90 -14.75 -1.74
N VAL B 104 15.63 -13.52 -2.21
CA VAL B 104 15.12 -13.36 -3.56
C VAL B 104 16.17 -13.76 -4.59
N ILE B 105 17.42 -13.32 -4.40
CA ILE B 105 18.47 -13.68 -5.34
C ILE B 105 18.68 -15.19 -5.36
N LYS B 106 18.60 -15.82 -4.19
CA LYS B 106 18.67 -17.28 -4.09
C LYS B 106 17.58 -17.94 -4.91
N VAL B 107 16.33 -17.56 -4.66
CA VAL B 107 15.21 -18.16 -5.38
C VAL B 107 15.33 -17.90 -6.88
N ALA B 108 15.76 -16.71 -7.27
CA ALA B 108 15.90 -16.41 -8.68
C ALA B 108 16.95 -17.31 -9.32
N HIS B 109 18.06 -17.54 -8.61
CA HIS B 109 19.09 -18.42 -9.16
C HIS B 109 18.54 -19.84 -9.31
N THR B 110 17.91 -20.34 -8.24
CA THR B 110 17.28 -21.66 -8.28
C THR B 110 16.36 -21.79 -9.49
N CYS B 111 15.58 -20.75 -9.79
CA CYS B 111 14.61 -20.81 -10.88
C CYS B 111 15.29 -20.76 -12.23
N LEU B 112 16.32 -19.92 -12.38
CA LEU B 112 16.95 -19.68 -13.66
C LEU B 112 18.18 -20.54 -13.90
N HIS B 113 18.75 -21.13 -12.85
CA HIS B 113 19.92 -21.99 -12.96
C HIS B 113 19.78 -23.16 -12.01
N PRO B 114 18.87 -24.10 -12.33
CA PRO B 114 18.69 -25.27 -11.44
C PRO B 114 19.90 -26.18 -11.41
N GLN B 115 20.78 -26.07 -12.40
CA GLN B 115 21.97 -26.90 -12.46
C GLN B 115 23.06 -26.32 -11.57
N GLU B 116 23.34 -25.03 -11.73
CA GLU B 116 24.36 -24.37 -10.96
C GLU B 116 24.01 -24.42 -9.47
N SER B 117 25.05 -24.29 -8.65
CA SER B 117 24.92 -24.20 -7.21
C SER B 117 24.66 -22.76 -6.79
N LEU B 118 23.88 -22.60 -5.73
CA LEU B 118 23.52 -21.27 -5.26
C LEU B 118 24.80 -20.51 -4.92
N PRO B 119 25.09 -19.41 -5.62
CA PRO B 119 26.38 -18.72 -5.40
C PRO B 119 26.60 -18.34 -3.95
N ASP B 120 27.87 -18.33 -3.57
CA ASP B 120 28.26 -17.97 -2.22
C ASP B 120 27.90 -16.52 -1.94
N THR B 121 27.44 -16.26 -0.72
CA THR B 121 27.01 -14.92 -0.34
C THR B 121 28.16 -13.92 -0.31
N ARG B 122 29.41 -14.39 -0.46
CA ARG B 122 30.59 -13.55 -0.41
C ARG B 122 31.19 -13.32 -1.79
N SER B 123 30.90 -14.19 -2.75
CA SER B 123 31.49 -14.11 -4.08
C SER B 123 31.20 -12.77 -4.75
N GLU B 124 32.17 -12.32 -5.56
CA GLU B 124 32.00 -11.06 -6.29
C GLU B 124 30.79 -11.12 -7.22
N ALA B 125 30.51 -12.30 -7.80
CA ALA B 125 29.41 -12.41 -8.73
C ALA B 125 28.07 -12.25 -8.02
N TYR B 126 28.00 -12.69 -6.76
CA TYR B 126 26.75 -12.53 -6.01
C TYR B 126 26.51 -11.06 -5.71
N LEU B 127 27.56 -10.37 -5.25
CA LEU B 127 27.38 -8.95 -4.97
C LEU B 127 27.09 -8.18 -6.26
N GLN B 128 27.50 -8.72 -7.41
CA GLN B 128 27.17 -8.08 -8.68
C GLN B 128 25.70 -8.28 -9.00
N GLN B 129 25.19 -9.48 -8.73
CA GLN B 129 23.77 -9.73 -8.90
C GLN B 129 22.96 -8.80 -8.01
N VAL B 130 23.44 -8.58 -6.78
CA VAL B 130 22.77 -7.66 -5.87
C VAL B 130 22.74 -6.26 -6.45
N GLN B 131 23.90 -5.78 -6.92
CA GLN B 131 23.95 -4.43 -7.49
C GLN B 131 22.98 -4.31 -8.66
N ASP B 132 22.92 -5.34 -9.50
CA ASP B 132 22.04 -5.33 -10.65
C ASP B 132 20.58 -5.28 -10.23
N LEU B 133 20.22 -6.09 -9.23
CA LEU B 133 18.83 -6.13 -8.77
C LEU B 133 18.42 -4.77 -8.21
N VAL B 134 19.26 -4.19 -7.35
CA VAL B 134 18.91 -2.89 -6.74
C VAL B 134 18.81 -1.82 -7.81
N ILE B 135 19.68 -1.90 -8.83
CA ILE B 135 19.59 -0.95 -9.94
C ILE B 135 18.24 -1.11 -10.63
N LEU B 136 17.93 -2.33 -11.06
CA LEU B 136 16.66 -2.58 -11.74
C LEU B 136 15.49 -2.08 -10.90
N GLU B 137 15.53 -2.30 -9.58
CA GLU B 137 14.48 -1.78 -8.72
C GLU B 137 14.34 -0.28 -8.85
N SER B 138 15.47 0.44 -8.85
CA SER B 138 15.42 1.90 -8.98
C SER B 138 14.89 2.32 -10.35
N ILE B 139 15.22 1.55 -11.39
CA ILE B 139 14.76 1.88 -12.73
C ILE B 139 13.28 1.61 -12.86
N ILE B 140 12.81 0.50 -12.33
CA ILE B 140 11.38 0.20 -12.32
C ILE B 140 10.62 1.31 -11.59
N LEU B 141 11.14 1.73 -10.43
CA LEU B 141 10.47 2.78 -9.67
C LEU B 141 10.38 4.07 -10.47
N GLN B 142 11.48 4.47 -11.11
CA GLN B 142 11.49 5.73 -11.85
C GLN B 142 10.66 5.63 -13.14
N THR B 143 10.70 4.49 -13.82
CA THR B 143 9.91 4.32 -15.03
C THR B 143 8.42 4.43 -14.75
N LEU B 144 7.99 3.90 -13.62
CA LEU B 144 6.58 3.87 -13.24
C LEU B 144 6.14 5.17 -12.58
N GLY B 145 7.08 6.10 -12.36
CA GLY B 145 6.74 7.34 -11.70
C GLY B 145 6.32 7.15 -10.26
N PHE B 146 6.83 6.10 -9.61
CA PHE B 146 6.54 5.85 -8.21
C PHE B 146 5.04 5.71 -7.97
N GLU B 147 4.29 5.34 -9.02
CA GLU B 147 2.87 5.01 -8.88
C GLU B 147 2.75 3.54 -8.54
N LEU B 148 2.67 3.26 -7.23
CA LEU B 148 2.83 1.91 -6.72
C LEU B 148 1.52 1.31 -6.22
N THR B 149 0.45 2.09 -6.17
CA THR B 149 -0.85 1.59 -5.74
C THR B 149 -1.57 1.00 -6.93
N ILE B 150 -1.72 -0.32 -6.95
CA ILE B 150 -2.31 -1.04 -8.09
C ILE B 150 -3.63 -1.66 -7.64
N ASP B 151 -4.66 -1.45 -8.45
CA ASP B 151 -5.96 -2.09 -8.23
C ASP B 151 -6.10 -3.26 -9.20
N HIS B 152 -6.54 -4.40 -8.70
CA HIS B 152 -6.59 -5.61 -9.50
C HIS B 152 -8.01 -6.08 -9.75
N PRO B 153 -8.24 -6.84 -10.82
CA PRO B 153 -9.59 -7.37 -11.07
C PRO B 153 -10.06 -8.32 -9.98
N HIS B 154 -9.13 -8.98 -9.28
CA HIS B 154 -9.50 -10.00 -8.31
C HIS B 154 -10.38 -9.44 -7.20
N THR B 155 -10.11 -8.21 -6.76
CA THR B 155 -10.93 -7.58 -5.73
C THR B 155 -12.40 -7.55 -6.15
N HIS B 156 -12.66 -7.07 -7.36
CA HIS B 156 -14.04 -6.93 -7.81
C HIS B 156 -14.64 -8.27 -8.17
N VAL B 157 -13.84 -9.20 -8.68
CA VAL B 157 -14.33 -10.53 -9.00
C VAL B 157 -14.85 -11.20 -7.74
N VAL B 158 -14.04 -11.19 -6.68
CA VAL B 158 -14.42 -11.86 -5.44
C VAL B 158 -15.64 -11.17 -4.83
N LYS B 159 -15.61 -9.83 -4.78
CA LYS B 159 -16.76 -9.10 -4.23
C LYS B 159 -18.03 -9.46 -4.98
N CYS B 160 -17.96 -9.58 -6.31
CA CYS B 160 -19.15 -9.86 -7.08
C CYS B 160 -19.61 -11.29 -6.84
N THR B 161 -18.68 -12.24 -6.75
CA THR B 161 -19.10 -13.62 -6.52
C THR B 161 -19.79 -13.73 -5.16
N GLN B 162 -19.34 -12.94 -4.19
CA GLN B 162 -20.00 -12.94 -2.88
C GLN B 162 -21.41 -12.37 -3.01
N LEU B 163 -21.55 -11.26 -3.76
CA LEU B 163 -22.85 -10.62 -3.90
C LEU B 163 -23.90 -11.55 -4.52
N VAL B 164 -23.52 -12.26 -5.58
CA VAL B 164 -24.48 -13.09 -6.30
C VAL B 164 -24.63 -14.49 -5.69
N ARG B 165 -23.95 -14.76 -4.58
CA ARG B 165 -24.13 -16.03 -3.88
C ARG B 165 -23.72 -17.19 -4.78
N ALA B 166 -22.55 -17.04 -5.40
CA ALA B 166 -22.02 -18.06 -6.29
C ALA B 166 -21.50 -19.24 -5.48
N SER B 167 -21.44 -20.40 -6.14
CA SER B 167 -20.89 -21.57 -5.49
C SER B 167 -19.37 -21.47 -5.40
N LYS B 168 -18.78 -22.35 -4.59
CA LYS B 168 -17.33 -22.36 -4.42
C LYS B 168 -16.63 -22.53 -5.75
N ASP B 169 -17.16 -23.41 -6.60
CA ASP B 169 -16.51 -23.68 -7.88
C ASP B 169 -16.54 -22.46 -8.79
N LEU B 170 -17.65 -21.73 -8.81
CA LEU B 170 -17.75 -20.56 -9.67
C LEU B 170 -16.84 -19.43 -9.19
N ALA B 171 -16.73 -19.25 -7.87
CA ALA B 171 -15.82 -18.27 -7.30
C ALA B 171 -14.37 -18.63 -7.65
N GLN B 172 -14.00 -19.88 -7.42
CA GLN B 172 -12.65 -20.34 -7.77
C GLN B 172 -12.37 -20.06 -9.23
N THR B 173 -13.29 -20.44 -10.12
CA THR B 173 -13.04 -20.28 -11.55
C THR B 173 -12.92 -18.81 -11.93
N SER B 174 -13.80 -17.95 -11.41
CA SER B 174 -13.71 -16.53 -11.74
C SER B 174 -12.37 -15.94 -11.30
N TYR B 175 -11.95 -16.23 -10.07
CA TYR B 175 -10.65 -15.78 -9.60
C TYR B 175 -9.52 -16.33 -10.46
N PHE B 176 -9.62 -17.60 -10.84
CA PHE B 176 -8.62 -18.22 -11.69
C PHE B 176 -8.52 -17.51 -13.03
N MET B 177 -9.69 -17.17 -13.62
CA MET B 177 -9.66 -16.45 -14.89
C MET B 177 -9.09 -15.05 -14.72
N ALA B 178 -9.26 -14.45 -13.54
CA ALA B 178 -8.69 -13.13 -13.31
C ALA B 178 -7.16 -13.21 -13.35
N THR B 179 -6.62 -14.22 -12.67
CA THR B 179 -5.19 -14.45 -12.71
C THR B 179 -4.73 -14.72 -14.15
N ASN B 180 -5.48 -15.55 -14.88
CA ASN B 180 -5.12 -15.83 -16.27
C ASN B 180 -5.15 -14.55 -17.09
N SER B 181 -6.07 -13.63 -16.77
CA SER B 181 -6.16 -12.38 -17.51
C SER B 181 -4.89 -11.56 -17.31
N LEU B 182 -4.36 -11.59 -16.08
CA LEU B 182 -3.13 -10.83 -15.83
C LEU B 182 -1.93 -11.50 -16.51
N HIS B 183 -1.89 -12.84 -16.50
CA HIS B 183 -0.76 -13.55 -17.08
C HIS B 183 -0.74 -13.45 -18.61
N LEU B 184 -1.88 -13.64 -19.26
CA LEU B 184 -1.92 -13.91 -20.69
C LEU B 184 -2.29 -12.71 -21.56
N THR B 185 -2.86 -11.65 -20.99
CA THR B 185 -3.34 -10.54 -21.80
C THR B 185 -2.77 -9.23 -21.28
N THR B 186 -3.06 -8.15 -22.00
CA THR B 186 -2.68 -6.80 -21.61
C THR B 186 -3.90 -5.96 -21.28
N PHE B 187 -4.95 -6.61 -20.74
CA PHE B 187 -6.15 -5.89 -20.36
C PHE B 187 -5.86 -4.88 -19.26
N SER B 188 -4.90 -5.18 -18.39
CA SER B 188 -4.53 -4.23 -17.34
C SER B 188 -4.07 -2.90 -17.93
N LEU B 189 -3.70 -2.88 -19.20
CA LEU B 189 -3.26 -1.67 -19.88
C LEU B 189 -4.33 -1.11 -20.80
N GLN B 190 -5.47 -1.79 -20.91
CA GLN B 190 -6.53 -1.42 -21.86
C GLN B 190 -7.85 -1.11 -21.16
N TYR B 191 -8.26 -1.95 -20.21
CA TYR B 191 -9.55 -1.81 -19.55
C TYR B 191 -9.37 -1.79 -18.03
N THR B 192 -10.27 -1.06 -17.36
CA THR B 192 -10.19 -0.88 -15.92
C THR B 192 -10.47 -2.18 -15.18
N PRO B 193 -9.97 -2.31 -13.96
CA PRO B 193 -10.11 -3.56 -13.20
C PRO B 193 -11.55 -4.04 -13.12
N PRO B 194 -12.53 -3.16 -12.92
CA PRO B 194 -13.92 -3.64 -12.89
C PRO B 194 -14.36 -4.29 -14.20
N VAL B 195 -13.95 -3.72 -15.33
CA VAL B 195 -14.33 -4.29 -16.62
C VAL B 195 -13.72 -5.68 -16.77
N VAL B 196 -12.44 -5.81 -16.41
CA VAL B 196 -11.80 -7.11 -16.51
C VAL B 196 -12.48 -8.11 -15.57
N ALA B 197 -12.87 -7.64 -14.39
CA ALA B 197 -13.57 -8.51 -13.44
C ALA B 197 -14.85 -9.04 -14.06
N CYS B 198 -15.59 -8.17 -14.76
CA CYS B 198 -16.83 -8.61 -15.38
C CYS B 198 -16.53 -9.62 -16.49
N VAL B 199 -15.55 -9.31 -17.34
CA VAL B 199 -15.18 -10.24 -18.40
C VAL B 199 -14.82 -11.60 -17.82
N CYS B 200 -14.09 -11.62 -16.71
CA CYS B 200 -13.68 -12.87 -16.07
C CYS B 200 -14.87 -13.65 -15.55
N ILE B 201 -15.76 -13.00 -14.80
CA ILE B 201 -16.95 -13.69 -14.31
C ILE B 201 -17.79 -14.20 -15.47
N HIS B 202 -17.98 -13.38 -16.51
CA HIS B 202 -18.76 -13.80 -17.67
C HIS B 202 -18.15 -15.04 -18.31
N LEU B 203 -16.83 -15.05 -18.46
CA LEU B 203 -16.16 -16.18 -19.08
C LEU B 203 -16.29 -17.43 -18.21
N ALA B 204 -16.13 -17.27 -16.89
CA ALA B 204 -16.26 -18.41 -15.99
C ALA B 204 -17.67 -18.98 -16.06
N CYS B 205 -18.66 -18.11 -16.25
CA CYS B 205 -20.04 -18.56 -16.32
C CYS B 205 -20.27 -19.32 -17.63
N LYS B 206 -19.79 -18.75 -18.74
CA LYS B 206 -19.96 -19.41 -20.04
C LYS B 206 -19.25 -20.75 -20.06
N TRP B 207 -18.13 -20.87 -19.34
CA TRP B 207 -17.41 -22.14 -19.27
C TRP B 207 -18.17 -23.14 -18.41
N SER B 208 -18.59 -22.72 -17.22
CA SER B 208 -19.20 -23.59 -16.23
C SER B 208 -20.67 -23.83 -16.52
N ASN B 209 -21.26 -23.07 -17.44
CA ASN B 209 -22.68 -23.04 -17.75
C ASN B 209 -23.51 -22.52 -16.58
N TRP B 210 -22.87 -21.97 -15.56
CA TRP B 210 -23.59 -21.17 -14.59
C TRP B 210 -24.10 -19.90 -15.25
N GLU B 211 -25.31 -19.51 -14.89
CA GLU B 211 -25.94 -18.28 -15.36
C GLU B 211 -26.31 -17.51 -14.10
N ILE B 212 -25.93 -16.25 -14.04
CA ILE B 212 -26.26 -15.38 -12.91
C ILE B 212 -27.53 -14.63 -13.26
N PRO B 213 -28.62 -14.81 -12.50
CA PRO B 213 -29.88 -14.15 -12.88
C PRO B 213 -29.87 -12.66 -12.57
N VAL B 214 -31.01 -12.05 -12.76
CA VAL B 214 -31.20 -10.66 -12.38
C VAL B 214 -31.57 -10.56 -10.92
N SER B 215 -31.18 -9.44 -10.30
CA SER B 215 -31.39 -9.22 -8.88
C SER B 215 -32.88 -9.05 -8.58
N THR B 216 -33.20 -8.99 -7.29
CA THR B 216 -34.59 -8.76 -6.87
C THR B 216 -35.09 -7.40 -7.35
N ASP B 217 -34.19 -6.50 -7.73
CA ASP B 217 -34.57 -5.16 -8.21
C ASP B 217 -34.40 -5.02 -9.72
N GLY B 218 -34.30 -6.12 -10.44
CA GLY B 218 -34.40 -6.11 -11.89
C GLY B 218 -33.19 -5.69 -12.69
N LYS B 219 -31.99 -5.68 -12.13
CA LYS B 219 -30.79 -5.28 -12.86
C LYS B 219 -29.82 -6.44 -13.01
N HIS B 220 -29.20 -6.54 -14.19
CA HIS B 220 -28.21 -7.57 -14.44
C HIS B 220 -27.03 -7.43 -13.49
N TRP B 221 -26.32 -8.55 -13.30
CA TRP B 221 -25.24 -8.58 -12.32
C TRP B 221 -24.10 -7.62 -12.68
N TRP B 222 -23.79 -7.49 -13.97
CA TRP B 222 -22.68 -6.63 -14.34
C TRP B 222 -22.98 -5.16 -14.07
N GLU B 223 -24.25 -4.81 -13.97
CA GLU B 223 -24.64 -3.44 -13.63
C GLU B 223 -24.23 -3.07 -12.22
N TYR B 224 -23.99 -4.05 -11.34
CA TYR B 224 -23.58 -3.79 -9.97
C TYR B 224 -22.07 -3.74 -9.80
N VAL B 225 -21.30 -3.80 -10.89
CA VAL B 225 -19.85 -3.81 -10.83
C VAL B 225 -19.25 -2.60 -11.54
N ASP B 226 -19.80 -2.23 -12.70
CA ASP B 226 -19.31 -1.08 -13.44
C ASP B 226 -20.43 -0.60 -14.37
N ALA B 227 -20.64 0.71 -14.40
CA ALA B 227 -21.78 1.29 -15.10
C ALA B 227 -21.55 1.40 -16.60
N THR B 228 -20.34 1.11 -17.06
CA THR B 228 -19.99 1.22 -18.48
C THR B 228 -20.02 -0.13 -19.19
N VAL B 229 -20.12 -1.24 -18.45
CA VAL B 229 -20.08 -2.58 -19.02
C VAL B 229 -21.44 -2.87 -19.65
N THR B 230 -21.49 -2.78 -20.98
CA THR B 230 -22.64 -3.24 -21.74
C THR B 230 -22.38 -4.66 -22.23
N LEU B 231 -23.45 -5.43 -22.41
CA LEU B 231 -23.29 -6.80 -22.88
C LEU B 231 -22.56 -6.85 -24.21
N GLU B 232 -22.77 -5.85 -25.08
CA GLU B 232 -22.06 -5.81 -26.35
C GLU B 232 -20.56 -5.75 -26.13
N LEU B 233 -20.09 -4.74 -25.40
CA LEU B 233 -18.66 -4.62 -25.13
C LEU B 233 -18.16 -5.77 -24.26
N LEU B 234 -19.01 -6.31 -23.39
CA LEU B 234 -18.62 -7.47 -22.60
C LEU B 234 -18.28 -8.66 -23.50
N ASP B 235 -19.18 -8.98 -24.43
CA ASP B 235 -18.91 -10.08 -25.36
C ASP B 235 -17.73 -9.75 -26.27
N GLU B 236 -17.59 -8.49 -26.67
CA GLU B 236 -16.47 -8.09 -27.51
C GLU B 236 -15.14 -8.36 -26.80
N LEU B 237 -15.04 -7.98 -25.54
CA LEU B 237 -13.79 -8.19 -24.81
C LEU B 237 -13.60 -9.66 -24.42
N THR B 238 -14.68 -10.42 -24.26
CA THR B 238 -14.52 -11.86 -24.10
C THR B 238 -13.97 -12.49 -25.37
N HIS B 239 -14.42 -12.01 -26.53
CA HIS B 239 -13.86 -12.44 -27.80
C HIS B 239 -12.39 -12.07 -27.90
N GLU B 240 -12.03 -10.85 -27.47
CA GLU B 240 -10.63 -10.46 -27.48
C GLU B 240 -9.79 -11.36 -26.56
N PHE B 241 -10.32 -11.69 -25.38
CA PHE B 241 -9.64 -12.61 -24.48
C PHE B 241 -9.39 -13.94 -25.17
N LEU B 242 -10.47 -14.59 -25.64
CA LEU B 242 -10.33 -15.89 -26.28
C LEU B 242 -9.43 -15.82 -27.50
N GLN B 243 -9.41 -14.68 -28.19
CA GLN B 243 -8.52 -14.50 -29.34
C GLN B 243 -7.06 -14.48 -28.88
N ILE B 244 -6.78 -13.77 -27.78
CA ILE B 244 -5.45 -13.82 -27.19
C ILE B 244 -5.11 -15.21 -26.68
N LEU B 245 -6.14 -16.04 -26.44
CA LEU B 245 -5.92 -17.41 -25.98
C LEU B 245 -5.78 -18.41 -27.12
N GLU B 246 -6.22 -18.06 -28.33
CA GLU B 246 -6.13 -19.00 -29.44
C GLU B 246 -4.69 -19.40 -29.74
N LYS B 247 -3.74 -18.49 -29.54
CA LYS B 247 -2.35 -18.78 -29.87
C LYS B 247 -1.71 -19.72 -28.86
N THR B 248 -2.21 -19.72 -27.63
CA THR B 248 -1.72 -20.62 -26.59
C THR B 248 -1.51 -21.98 -27.21
N PRO B 249 -0.36 -22.63 -26.99
CA PRO B 249 -0.24 -24.01 -27.45
C PRO B 249 -1.29 -24.83 -26.73
N ASN B 250 -2.46 -24.97 -27.35
CA ASN B 250 -3.60 -25.57 -26.66
C ASN B 250 -3.36 -27.07 -26.50
N ARG B 251 -2.38 -27.38 -25.64
CA ARG B 251 -2.14 -28.76 -25.27
C ARG B 251 -3.42 -29.38 -24.73
N LEU B 252 -4.29 -28.57 -24.14
CA LEU B 252 -5.50 -29.11 -23.51
C LEU B 252 -6.31 -29.93 -24.51
N LYS B 253 -6.60 -29.36 -25.68
CA LYS B 253 -7.33 -30.13 -26.70
C LYS B 253 -6.68 -31.48 -26.97
N ARG B 254 -5.43 -31.68 -26.56
CA ARG B 254 -4.69 -32.90 -26.81
C ARG B 254 -4.49 -33.76 -25.57
N ILE B 255 -4.13 -33.16 -24.43
CA ILE B 255 -3.96 -33.87 -23.17
C ILE B 255 -5.32 -34.08 -22.52
N TRP B 256 -6.38 -33.71 -23.23
CA TRP B 256 -7.71 -33.64 -22.66
C TRP B 256 -8.12 -34.98 -22.07
N ASN B 257 -7.77 -36.08 -22.74
CA ASN B 257 -8.28 -37.40 -22.38
C ASN B 257 -7.15 -38.43 -22.49
N TRP B 258 -6.31 -38.50 -21.45
CA TRP B 258 -5.24 -39.50 -21.47
C TRP B 258 -4.95 -40.12 -20.10
N ARG B 259 -4.13 -39.46 -19.29
CA ARG B 259 -3.52 -40.14 -18.16
C ARG B 259 -3.90 -39.53 -16.82
N ALA B 260 -3.76 -40.36 -15.78
CA ALA B 260 -3.95 -39.93 -14.39
C ALA B 260 -2.64 -40.11 -13.62
N CYS B 261 -2.71 -40.13 -12.29
CA CYS B 261 -1.53 -40.31 -11.47
C CYS B 261 -1.28 -41.79 -11.17
N LEU C 3 -32.11 -11.79 -1.80
CA LEU C 3 -31.83 -10.54 -2.50
C LEU C 3 -31.01 -10.77 -3.77
N PHE C 4 -30.77 -12.05 -4.08
CA PHE C 4 -30.05 -12.44 -5.28
C PHE C 4 -30.12 -13.95 -5.47
N ALA C 5 -30.95 -14.41 -6.39
CA ALA C 5 -31.11 -15.84 -6.62
C ALA C 5 -29.79 -16.47 -7.03
N GLU C 6 -29.45 -17.58 -6.40
CA GLU C 6 -28.21 -18.29 -6.69
C GLU C 6 -28.13 -18.60 -8.19
N PRO C 7 -26.94 -18.65 -8.77
CA PRO C 7 -26.83 -19.02 -10.19
C PRO C 7 -27.48 -20.37 -10.47
N TYR C 8 -27.95 -20.54 -11.69
CA TYR C 8 -28.62 -21.75 -12.12
C TYR C 8 -28.05 -22.20 -13.46
N LYS C 9 -27.76 -23.50 -13.57
CA LYS C 9 -27.24 -24.04 -14.81
C LYS C 9 -28.17 -23.73 -15.97
N VAL C 10 -27.67 -23.98 -17.18
CA VAL C 10 -28.46 -23.88 -18.41
C VAL C 10 -28.36 -25.22 -19.10
N THR C 11 -29.39 -26.06 -18.92
CA THR C 11 -29.40 -27.39 -19.50
C THR C 11 -29.13 -27.34 -21.01
N SER C 12 -28.00 -27.87 -21.44
CA SER C 12 -27.65 -27.88 -22.85
C SER C 12 -27.49 -26.46 -23.37
N LYS C 13 -26.37 -25.81 -23.04
CA LYS C 13 -26.13 -24.45 -23.51
C LYS C 13 -25.83 -24.46 -25.01
N GLU C 14 -26.35 -23.45 -25.70
CA GLU C 14 -26.18 -23.33 -27.14
C GLU C 14 -25.40 -22.09 -27.57
N ASP C 15 -25.09 -21.19 -26.64
CA ASP C 15 -24.41 -19.95 -26.99
C ASP C 15 -23.12 -20.25 -27.76
N TYR C 16 -22.98 -19.62 -28.93
CA TYR C 16 -21.80 -19.84 -29.76
C TYR C 16 -20.53 -19.65 -28.96
N LEU C 17 -20.46 -18.59 -28.15
CA LEU C 17 -19.29 -18.35 -27.31
C LEU C 17 -19.09 -19.50 -26.32
N SER C 18 -20.15 -19.85 -25.59
CA SER C 18 -20.06 -20.94 -24.61
C SER C 18 -19.67 -22.25 -25.29
N SER C 19 -20.33 -22.56 -26.41
CA SER C 19 -20.06 -23.82 -27.09
C SER C 19 -18.62 -23.87 -27.58
N ARG C 20 -18.11 -22.76 -28.13
CA ARG C 20 -16.74 -22.75 -28.61
C ARG C 20 -15.76 -22.89 -27.46
N ILE C 21 -15.99 -22.18 -26.36
CA ILE C 21 -15.11 -22.30 -25.20
C ILE C 21 -15.08 -23.74 -24.71
N GLN C 22 -16.25 -24.37 -24.59
CA GLN C 22 -16.31 -25.72 -24.05
C GLN C 22 -15.66 -26.73 -24.99
N SER C 23 -16.06 -26.74 -26.26
CA SER C 23 -15.39 -27.60 -27.23
C SER C 23 -13.90 -27.35 -27.25
N MET C 24 -13.47 -26.15 -26.88
CA MET C 24 -12.05 -25.86 -26.70
C MET C 24 -11.52 -26.58 -25.47
N LEU C 25 -11.97 -26.14 -24.29
CA LEU C 25 -11.43 -26.60 -23.02
C LEU C 25 -11.78 -28.08 -22.80
N GLY C 26 -13.01 -28.36 -22.40
CA GLY C 26 -13.44 -29.74 -22.26
C GLY C 26 -14.36 -29.99 -21.09
N ASN C 27 -15.57 -29.43 -21.13
CA ASN C 27 -16.58 -29.69 -20.13
C ASN C 27 -16.10 -29.32 -18.73
N TYR C 28 -16.67 -28.25 -18.17
CA TYR C 28 -16.28 -27.81 -16.83
C TYR C 28 -16.49 -28.93 -15.81
N ASP C 29 -17.56 -29.72 -15.98
CA ASP C 29 -17.83 -30.80 -15.04
C ASP C 29 -16.69 -31.82 -14.99
N GLU C 30 -15.87 -31.89 -16.03
CA GLU C 30 -14.78 -32.88 -16.06
C GLU C 30 -13.58 -32.40 -15.25
N MET C 31 -13.17 -31.15 -15.44
CA MET C 31 -11.96 -30.64 -14.78
C MET C 31 -12.09 -30.56 -13.26
N LYS C 32 -13.21 -30.98 -12.68
CA LYS C 32 -13.35 -31.03 -11.23
C LYS C 32 -12.35 -32.01 -10.59
N ASP C 33 -11.77 -32.91 -11.38
CA ASP C 33 -10.81 -33.88 -10.87
C ASP C 33 -9.38 -33.38 -11.04
C ACE D 1 -5.08 -18.34 -8.73
O ACE D 1 -6.04 -18.07 -9.46
CH3 ACE D 1 -3.90 -17.43 -8.60
N MET D 2 -5.01 -19.48 -8.05
CA MET D 2 -6.06 -20.48 -8.10
C MET D 2 -7.12 -20.30 -7.02
N GLU D 3 -6.69 -20.07 -5.78
CA GLU D 3 -7.63 -20.04 -4.67
C GLU D 3 -8.04 -18.59 -4.37
N PRO D 4 -9.35 -18.30 -4.30
CA PRO D 4 -9.77 -16.93 -4.00
C PRO D 4 -9.23 -16.45 -2.65
N VAL D 5 -9.06 -15.13 -2.53
CA VAL D 5 -8.65 -14.50 -1.29
C VAL D 5 -9.55 -13.30 -1.04
N ASP D 6 -10.08 -13.21 0.18
CA ASP D 6 -10.97 -12.12 0.55
C ASP D 6 -10.25 -10.78 0.37
N PRO D 7 -10.71 -9.90 -0.53
CA PRO D 7 -9.96 -8.65 -0.77
C PRO D 7 -9.95 -7.72 0.44
N ARG D 8 -10.92 -7.84 1.34
CA ARG D 8 -10.99 -6.95 2.49
C ARG D 8 -9.84 -7.18 3.47
N LEU D 9 -9.09 -8.26 3.32
CA LEU D 9 -7.88 -8.46 4.10
C LEU D 9 -6.81 -7.44 3.75
N GLU D 10 -6.11 -6.96 4.76
CA GLU D 10 -4.98 -6.06 4.56
C GLU D 10 -3.83 -6.81 3.90
N PRO D 11 -2.97 -6.11 3.16
CA PRO D 11 -1.92 -6.81 2.40
C PRO D 11 -1.06 -7.75 3.23
N TRP D 12 -0.70 -7.37 4.46
CA TRP D 12 0.14 -8.24 5.27
C TRP D 12 -0.60 -9.46 5.81
N LYS D 13 -1.92 -9.54 5.60
CA LYS D 13 -2.71 -10.66 6.09
C LYS D 13 -2.92 -11.75 5.03
N HIS D 14 -2.75 -11.42 3.76
CA HIS D 14 -3.05 -12.38 2.70
C HIS D 14 -2.22 -13.66 2.86
N PRO D 15 -2.83 -14.83 2.65
CA PRO D 15 -2.07 -16.08 2.76
C PRO D 15 -1.05 -16.23 1.64
N GLY D 16 -0.02 -17.03 1.92
CA GLY D 16 1.01 -17.27 0.94
C GLY D 16 0.53 -18.15 -0.20
N SER D 17 1.18 -17.99 -1.36
CA SER D 17 0.79 -18.63 -2.60
C SER D 17 1.36 -20.04 -2.78
N GLN D 18 2.29 -20.47 -1.95
CA GLN D 18 2.92 -21.77 -2.11
C GLN D 18 1.89 -22.89 -2.00
N PRO D 19 1.76 -23.75 -3.01
CA PRO D 19 0.79 -24.86 -2.91
C PRO D 19 1.20 -25.87 -1.84
N LYS D 20 0.20 -26.57 -1.32
CA LYS D 20 0.45 -27.52 -0.25
C LYS D 20 1.35 -28.67 -0.69
N THR D 21 1.23 -29.11 -1.94
CA THR D 21 2.03 -30.21 -2.46
C THR D 21 3.03 -29.70 -3.49
N ALA D 22 4.17 -30.37 -3.57
CA ALA D 22 5.21 -29.97 -4.52
C ALA D 22 4.78 -30.25 -5.96
N CYS D 23 5.24 -29.39 -6.86
CA CYS D 23 4.97 -29.56 -8.28
C CYS D 23 5.74 -30.75 -8.85
N THR D 24 5.06 -31.56 -9.66
CA THR D 24 5.67 -32.75 -10.26
C THR D 24 5.97 -32.46 -11.72
N ASN D 25 6.37 -33.47 -12.48
CA ASN D 25 6.57 -33.33 -13.91
C ASN D 25 5.56 -34.12 -14.73
N CYS D 26 4.69 -34.87 -14.07
CA CYS D 26 3.61 -35.57 -14.76
C CYS D 26 2.66 -34.54 -15.35
N TYR D 27 2.07 -34.88 -16.49
CA TYR D 27 1.19 -33.98 -17.22
C TYR D 27 -0.26 -34.47 -17.24
N CYS D 28 -0.61 -35.36 -16.30
CA CYS D 28 -1.97 -35.86 -16.14
C CYS D 28 -2.90 -34.74 -15.69
N LYS D 29 -4.20 -35.04 -15.76
CA LYS D 29 -5.24 -34.09 -15.41
C LYS D 29 -4.99 -33.50 -14.02
N LYS D 30 -4.72 -34.37 -13.04
CA LYS D 30 -4.47 -33.90 -11.68
C LYS D 30 -3.31 -32.91 -11.65
N CYS D 31 -2.25 -33.18 -12.43
CA CYS D 31 -1.03 -32.38 -12.42
C CYS D 31 -1.13 -31.11 -13.24
N CYS D 32 -2.04 -31.03 -14.22
CA CYS D 32 -2.15 -29.83 -15.03
C CYS D 32 -2.90 -28.70 -14.33
N PHE D 33 -3.65 -28.99 -13.27
CA PHE D 33 -4.33 -27.95 -12.51
C PHE D 33 -3.88 -27.94 -11.06
N HIS D 34 -2.64 -28.39 -10.81
CA HIS D 34 -2.09 -28.36 -9.46
C HIS D 34 -2.02 -26.94 -8.92
N CYS D 35 -1.52 -26.01 -9.72
CA CYS D 35 -1.36 -24.63 -9.29
C CYS D 35 -1.22 -23.74 -10.52
N GLN D 36 -1.10 -22.44 -10.29
CA GLN D 36 -1.00 -21.50 -11.40
C GLN D 36 0.24 -21.80 -12.25
N VAL D 37 1.37 -22.10 -11.60
CA VAL D 37 2.59 -22.39 -12.34
C VAL D 37 2.40 -23.59 -13.24
N CYS D 38 1.85 -24.67 -12.69
CA CYS D 38 1.61 -25.88 -13.48
C CYS D 38 0.65 -25.61 -14.64
N PHE D 39 -0.44 -24.90 -14.36
CA PHE D 39 -1.40 -24.59 -15.42
C PHE D 39 -0.75 -23.80 -16.54
N ILE D 40 0.01 -22.75 -16.21
CA ILE D 40 0.61 -21.92 -17.25
C ILE D 40 1.68 -22.71 -18.01
N THR D 41 2.47 -23.52 -17.31
CA THR D 41 3.55 -24.24 -17.96
C THR D 41 3.08 -25.55 -18.59
N LYS D 42 2.38 -26.38 -17.82
CA LYS D 42 1.96 -27.68 -18.33
C LYS D 42 0.77 -27.54 -19.28
N ALA D 43 -0.34 -26.99 -18.80
CA ALA D 43 -1.57 -26.97 -19.58
C ALA D 43 -1.47 -26.01 -20.76
N LEU D 44 -0.80 -24.87 -20.58
CA LEU D 44 -0.72 -23.86 -21.62
C LEU D 44 0.64 -23.81 -22.30
N GLY D 45 1.62 -24.58 -21.84
CA GLY D 45 2.89 -24.75 -22.52
C GLY D 45 3.81 -23.56 -22.55
N ILE D 46 3.68 -22.61 -21.62
CA ILE D 46 4.55 -21.43 -21.58
C ILE D 46 5.67 -21.70 -20.59
N SER D 47 6.91 -21.55 -21.04
CA SER D 47 8.08 -21.71 -20.16
C SER D 47 9.11 -20.64 -20.52
N TYR D 48 9.88 -20.22 -19.51
CA TYR D 48 10.92 -19.24 -19.74
C TYR D 48 12.27 -19.90 -20.04
N GLY D 49 12.53 -21.07 -19.48
CA GLY D 49 13.72 -21.83 -19.79
C GLY D 49 13.62 -22.64 -21.07
ZN ZN F . 2.03 -26.82 -9.36
ZN ZN G . 0.47 -37.02 -12.33
#